data_1VKF
#
_entry.id   1VKF
#
_cell.length_a   84.527
_cell.length_b   138.783
_cell.length_c   160.626
_cell.angle_alpha   90.00
_cell.angle_beta   90.00
_cell.angle_gamma   90.00
#
_symmetry.space_group_name_H-M   'C 2 2 21'
#
loop_
_entity.id
_entity.type
_entity.pdbx_description
1 polymer 'glycerol uptake operon antiterminator-related protein'
2 non-polymer 'CITRIC ACID'
3 non-polymer 'PHOSPHATE ION'
4 water water
#
_entity_poly.entity_id   1
_entity_poly.type   'polypeptide(L)'
_entity_poly.pdbx_seq_one_letter_code
;MGSDKIHHHHHH(MSE)FKGIIAALWD(MSE)DSIGEIEPDVVFLLKSDILNLKFHLKILKDRGKTVFVD(MSE)DFVNG
LGEGEEAILFVKKAGADGIITIKPKNYVVAKKNGIPAVLRFFALDSKAVERGIEQIETLGVDVVEVLPGAVAPKVARKIP
GRTVIAAGLVETEEEAREILKHVSAISTSSRILWK(MSE)KFLP
;
_entity_poly.pdbx_strand_id   A,B,C,D
#
# COMPACT_ATOMS: atom_id res chain seq x y z
N PHE A 14 -2.29 43.22 -0.39
CA PHE A 14 -1.90 41.86 -0.71
C PHE A 14 -1.91 41.79 -2.24
N LYS A 15 -0.75 41.91 -2.85
CA LYS A 15 -0.61 41.85 -4.30
C LYS A 15 0.80 41.35 -4.61
N GLY A 16 0.93 40.42 -5.54
CA GLY A 16 2.23 39.87 -5.89
C GLY A 16 2.81 38.93 -4.86
N ILE A 17 4.12 38.99 -4.68
CA ILE A 17 4.79 38.08 -3.79
C ILE A 17 4.85 38.69 -2.38
N ILE A 18 4.45 37.89 -1.42
CA ILE A 18 4.55 38.13 0.04
C ILE A 18 5.70 37.29 0.58
N ALA A 19 6.54 37.89 1.41
CA ALA A 19 7.69 37.19 1.95
C ALA A 19 7.31 36.42 3.19
N ALA A 20 7.45 35.10 3.10
CA ALA A 20 7.27 34.20 4.25
C ALA A 20 8.63 33.97 4.91
N LEU A 21 8.65 34.13 6.24
CA LEU A 21 9.84 33.94 7.02
C LEU A 21 9.64 32.82 8.02
N TRP A 22 10.58 31.87 8.01
CA TRP A 22 10.54 30.75 8.97
C TRP A 22 11.55 30.91 10.09
N ASP A 23 12.56 31.69 9.84
CA ASP A 23 13.45 32.01 10.95
C ASP A 23 14.09 33.35 10.73
N ASP A 25 17.27 34.30 12.10
CA ASP A 25 18.72 34.37 12.36
C ASP A 25 19.39 34.87 11.08
N SER A 26 19.17 34.17 9.98
CA SER A 26 19.77 34.56 8.70
C SER A 26 18.62 35.02 7.84
N ILE A 27 18.60 36.32 7.53
CA ILE A 27 17.46 36.91 6.85
C ILE A 27 17.84 37.45 5.48
N GLY A 28 18.87 38.29 5.39
CA GLY A 28 19.22 38.91 4.13
C GLY A 28 18.20 39.95 3.69
N GLU A 29 18.24 40.37 2.43
CA GLU A 29 17.32 41.36 1.89
C GLU A 29 15.94 40.75 1.74
N ILE A 30 14.92 41.50 2.08
CA ILE A 30 13.53 41.11 1.87
C ILE A 30 12.90 42.12 0.94
N GLU A 31 12.77 41.76 -0.33
CA GLU A 31 12.21 42.68 -1.30
C GLU A 31 10.70 42.98 -1.10
N PRO A 32 9.85 41.97 -0.85
CA PRO A 32 8.42 42.21 -0.66
C PRO A 32 8.07 43.21 0.44
N ASP A 33 7.00 43.99 0.24
CA ASP A 33 6.55 44.96 1.22
C ASP A 33 5.85 44.29 2.41
N VAL A 34 5.23 43.15 2.16
CA VAL A 34 4.47 42.41 3.16
C VAL A 34 5.25 41.16 3.58
N VAL A 35 5.28 40.91 4.89
CA VAL A 35 5.97 39.75 5.43
C VAL A 35 4.96 38.95 6.25
N PHE A 36 4.95 37.62 6.03
CA PHE A 36 4.26 36.70 6.92
C PHE A 36 5.27 36.01 7.77
N LEU A 37 5.29 36.27 9.08
CA LEU A 37 6.25 35.63 9.99
C LEU A 37 5.61 34.34 10.48
N LEU A 38 6.14 33.21 10.03
CA LEU A 38 5.45 31.95 10.18
C LEU A 38 5.88 31.13 11.37
N LYS A 39 6.92 31.56 12.06
CA LYS A 39 7.33 30.96 13.32
C LYS A 39 8.02 31.99 14.19
N SER A 40 7.74 31.93 15.47
CA SER A 40 8.46 32.74 16.44
C SER A 40 8.24 32.08 17.79
N ASP A 41 8.42 32.85 18.85
CA ASP A 41 8.13 32.38 20.21
C ASP A 41 7.74 33.60 21.06
N ILE A 42 7.13 33.30 22.19
N ILE A 42 7.04 33.36 22.17
CA ILE A 42 6.54 34.33 22.99
CA ILE A 42 6.52 34.47 22.97
C ILE A 42 7.57 35.26 23.63
C ILE A 42 7.60 35.31 23.65
N LEU A 43 8.79 34.76 23.83
CA LEU A 43 9.84 35.51 24.51
C LEU A 43 10.44 36.46 23.49
N ASN A 44 10.44 36.08 22.23
CA ASN A 44 11.23 36.84 21.25
C ASN A 44 10.44 37.53 20.16
N LEU A 45 9.10 37.40 20.16
CA LEU A 45 8.28 37.85 19.07
C LEU A 45 8.45 39.36 18.90
N LYS A 46 8.50 40.08 20.01
CA LYS A 46 8.61 41.53 19.93
C LYS A 46 9.93 41.95 19.25
N PHE A 47 11.01 41.25 19.49
CA PHE A 47 12.28 41.58 18.89
C PHE A 47 12.28 41.24 17.39
N HIS A 48 11.68 40.11 17.07
CA HIS A 48 11.53 39.72 15.67
C HIS A 48 10.73 40.77 14.92
N LEU A 49 9.62 41.20 15.50
CA LEU A 49 8.80 42.21 14.86
C LEU A 49 9.49 43.57 14.71
N LYS A 50 10.22 43.99 15.72
CA LYS A 50 11.02 45.22 15.62
C LYS A 50 11.96 45.17 14.42
N ILE A 51 12.65 44.05 14.20
CA ILE A 51 13.60 43.92 13.08
C ILE A 51 12.81 44.17 11.76
N LEU A 52 11.64 43.55 11.64
CA LEU A 52 10.90 43.54 10.39
C LEU A 52 10.19 44.88 10.19
N LYS A 53 9.66 45.43 11.27
CA LYS A 53 8.99 46.73 11.17
C LYS A 53 10.03 47.83 10.86
N ASP A 54 11.23 47.69 11.39
CA ASP A 54 12.33 48.64 11.12
C ASP A 54 12.69 48.66 9.62
N ARG A 55 12.52 47.53 8.94
CA ARG A 55 12.73 47.42 7.49
C ARG A 55 11.57 47.98 6.69
N GLY A 56 10.56 48.52 7.36
CA GLY A 56 9.44 49.15 6.68
C GLY A 56 8.39 48.18 6.18
N LYS A 57 8.39 46.96 6.69
CA LYS A 57 7.45 45.94 6.25
C LYS A 57 6.13 46.00 7.03
N THR A 58 5.08 45.59 6.36
CA THR A 58 3.83 45.22 7.00
C THR A 58 3.95 43.76 7.37
N VAL A 59 3.68 43.44 8.63
CA VAL A 59 3.95 42.09 9.13
C VAL A 59 2.69 41.46 9.73
N PHE A 60 2.31 40.31 9.17
CA PHE A 60 1.30 39.44 9.73
C PHE A 60 2.01 38.25 10.38
N VAL A 61 1.54 37.89 11.57
CA VAL A 61 2.15 36.84 12.34
C VAL A 61 1.23 35.63 12.37
N ASP A 62 1.74 34.46 12.07
CA ASP A 62 0.95 33.22 12.23
C ASP A 62 0.95 32.86 13.71
N ASP A 64 -0.62 30.82 15.33
CA ASP A 64 -0.69 29.40 15.68
C ASP A 64 0.67 28.76 15.83
N PHE A 65 1.74 29.42 15.36
N PHE A 65 1.74 29.39 15.31
CA PHE A 65 3.07 28.86 15.41
CA PHE A 65 3.11 28.88 15.41
C PHE A 65 4.07 29.70 16.22
C PHE A 65 4.05 29.91 16.07
N VAL A 66 3.54 30.58 17.09
CA VAL A 66 4.38 31.33 18.04
C VAL A 66 4.49 30.39 19.26
N ASN A 67 5.64 29.75 19.38
CA ASN A 67 5.89 28.81 20.46
C ASN A 67 5.66 29.46 21.82
N GLY A 68 4.89 28.78 22.67
CA GLY A 68 4.52 29.35 23.95
C GLY A 68 3.21 30.14 24.00
N LEU A 69 2.63 30.54 22.86
CA LEU A 69 1.42 31.30 22.80
C LEU A 69 0.23 30.34 22.72
N GLY A 70 -0.86 30.75 23.33
CA GLY A 70 -2.13 30.03 23.27
C GLY A 70 -3.12 30.65 22.26
N GLU A 71 -4.38 30.41 22.48
CA GLU A 71 -5.38 30.87 21.54
C GLU A 71 -6.25 31.87 22.24
N GLY A 72 -6.96 32.65 21.45
CA GLY A 72 -7.98 33.53 21.97
C GLY A 72 -7.58 34.98 22.15
N GLU A 73 -8.47 35.75 22.76
CA GLU A 73 -8.38 37.19 22.78
C GLU A 73 -7.08 37.74 23.37
N GLU A 74 -6.69 37.23 24.52
CA GLU A 74 -5.46 37.65 25.16
C GLU A 74 -4.22 37.35 24.32
N ALA A 75 -4.17 36.18 23.67
CA ALA A 75 -3.10 35.86 22.74
C ALA A 75 -3.05 36.81 21.56
N ILE A 76 -4.20 37.13 21.00
CA ILE A 76 -4.25 38.05 19.85
C ILE A 76 -3.78 39.45 20.25
N LEU A 77 -4.23 39.94 21.41
CA LEU A 77 -3.80 41.23 21.96
C LEU A 77 -2.30 41.24 22.29
N PHE A 78 -1.69 40.11 22.71
CA PHE A 78 -0.29 40.01 22.91
C PHE A 78 0.50 40.19 21.62
N VAL A 79 0.01 39.56 20.56
CA VAL A 79 0.67 39.66 19.29
C VAL A 79 0.54 41.14 18.77
N LYS A 80 -0.60 41.78 18.96
CA LYS A 80 -0.74 43.18 18.62
C LYS A 80 0.24 44.08 19.41
N LYS A 81 0.31 43.84 20.71
CA LYS A 81 1.28 44.57 21.59
C LYS A 81 2.72 44.39 21.18
N ALA A 82 3.04 43.21 20.67
CA ALA A 82 4.40 42.92 20.23
C ALA A 82 4.78 43.68 18.98
N GLY A 83 3.78 44.18 18.24
CA GLY A 83 3.97 45.10 17.11
C GLY A 83 3.49 44.59 15.75
N ALA A 84 2.69 43.53 15.75
CA ALA A 84 2.19 42.96 14.48
C ALA A 84 1.13 43.84 13.89
N ASP A 85 1.09 43.86 12.56
CA ASP A 85 0.04 44.52 11.86
C ASP A 85 -1.21 43.72 11.76
N GLY A 86 -1.06 42.42 11.84
CA GLY A 86 -2.19 41.50 11.80
C GLY A 86 -1.80 40.08 12.13
N ILE A 87 -2.79 39.20 12.11
CA ILE A 87 -2.58 37.83 12.41
C ILE A 87 -3.03 36.92 11.26
N ILE A 88 -2.45 35.75 11.24
CA ILE A 88 -2.84 34.62 10.40
C ILE A 88 -3.16 33.45 11.33
N THR A 89 -4.19 32.71 11.01
CA THR A 89 -4.57 31.59 11.85
C THR A 89 -5.47 30.63 11.05
N ILE A 90 -5.49 29.38 11.47
CA ILE A 90 -6.44 28.36 10.94
C ILE A 90 -7.70 28.26 11.83
N LYS A 91 -7.69 28.90 13.00
CA LYS A 91 -8.78 28.78 13.99
C LYS A 91 -9.81 29.85 13.81
N PRO A 92 -11.02 29.51 13.34
CA PRO A 92 -12.11 30.50 13.18
C PRO A 92 -12.37 31.37 14.40
N LYS A 93 -12.27 30.83 15.60
CA LYS A 93 -12.48 31.61 16.79
C LYS A 93 -11.43 32.72 16.94
N ASN A 94 -10.16 32.46 16.60
CA ASN A 94 -9.12 33.50 16.64
C ASN A 94 -9.46 34.57 15.62
N TYR A 95 -9.92 34.13 14.43
CA TYR A 95 -10.28 35.06 13.38
C TYR A 95 -11.41 36.00 13.84
N VAL A 96 -12.48 35.45 14.40
CA VAL A 96 -13.64 36.26 14.81
C VAL A 96 -13.20 37.25 15.91
N VAL A 97 -12.39 36.79 16.83
CA VAL A 97 -12.01 37.62 17.95
C VAL A 97 -11.09 38.75 17.42
N ALA A 98 -10.19 38.44 16.49
CA ALA A 98 -9.32 39.46 15.93
C ALA A 98 -10.18 40.53 15.31
N LYS A 99 -11.11 40.12 14.46
CA LYS A 99 -12.00 41.03 13.76
C LYS A 99 -12.81 41.92 14.71
N LYS A 100 -13.37 41.32 15.75
CA LYS A 100 -14.13 42.02 16.79
C LYS A 100 -13.29 43.13 17.48
N ASN A 101 -11.97 42.91 17.55
CA ASN A 101 -11.07 43.87 18.18
C ASN A 101 -10.39 44.81 17.19
N GLY A 102 -10.81 44.74 15.91
CA GLY A 102 -10.30 45.64 14.88
C GLY A 102 -8.90 45.33 14.41
N ILE A 103 -8.50 44.06 14.54
CA ILE A 103 -7.19 43.59 14.19
C ILE A 103 -7.28 42.85 12.83
N PRO A 104 -6.58 43.32 11.82
CA PRO A 104 -6.49 42.60 10.53
C PRO A 104 -6.13 41.13 10.72
N ALA A 105 -6.81 40.28 9.95
CA ALA A 105 -6.65 38.85 10.12
C ALA A 105 -6.80 38.13 8.77
N VAL A 106 -5.98 37.09 8.61
CA VAL A 106 -6.06 36.21 7.48
C VAL A 106 -6.41 34.81 7.99
N LEU A 107 -7.43 34.19 7.38
CA LEU A 107 -7.83 32.83 7.73
C LEU A 107 -7.23 31.88 6.73
N ARG A 108 -6.49 30.91 7.24
CA ARG A 108 -5.96 29.82 6.41
C ARG A 108 -7.05 28.82 6.03
N PHE A 109 -6.89 28.21 4.85
CA PHE A 109 -7.89 27.38 4.21
C PHE A 109 -7.09 26.23 3.55
N PHE A 110 -7.26 24.99 4.05
CA PHE A 110 -6.55 23.85 3.51
C PHE A 110 -7.49 23.21 2.44
N ALA A 111 -7.20 23.45 1.17
CA ALA A 111 -8.08 23.06 0.05
C ALA A 111 -7.68 21.65 -0.44
N LEU A 112 -8.11 20.65 0.35
CA LEU A 112 -7.65 19.29 0.22
C LEU A 112 -8.52 18.45 -0.74
N ASP A 113 -9.83 18.70 -0.74
CA ASP A 113 -10.74 17.98 -1.57
C ASP A 113 -12.03 18.77 -1.67
N SER A 114 -12.97 18.30 -2.45
CA SER A 114 -14.18 19.05 -2.73
C SER A 114 -14.98 19.36 -1.48
N LYS A 115 -15.07 18.41 -0.57
CA LYS A 115 -15.86 18.62 0.65
C LYS A 115 -15.17 19.65 1.58
N ALA A 116 -13.84 19.62 1.62
CA ALA A 116 -13.10 20.59 2.43
C ALA A 116 -13.32 21.98 1.89
N VAL A 117 -13.35 22.11 0.55
CA VAL A 117 -13.60 23.38 -0.08
C VAL A 117 -15.04 23.87 0.18
N GLU A 118 -16.01 22.98 0.03
CA GLU A 118 -17.43 23.32 0.30
C GLU A 118 -17.56 23.85 1.74
N ARG A 119 -17.00 23.14 2.70
CA ARG A 119 -17.10 23.54 4.11
C ARG A 119 -16.37 24.86 4.36
N GLY A 120 -15.21 25.05 3.76
CA GLY A 120 -14.43 26.24 3.91
C GLY A 120 -15.17 27.43 3.36
N ILE A 121 -15.81 27.26 2.22
CA ILE A 121 -16.53 28.37 1.61
C ILE A 121 -17.75 28.74 2.48
N GLU A 122 -18.42 27.74 3.02
CA GLU A 122 -19.51 27.99 3.96
C GLU A 122 -19.03 28.78 5.16
N GLN A 123 -17.91 28.35 5.75
CA GLN A 123 -17.31 29.07 6.84
C GLN A 123 -16.92 30.51 6.47
N ILE A 124 -16.31 30.71 5.30
CA ILE A 124 -15.94 32.05 4.83
C ILE A 124 -17.15 32.98 4.74
N GLU A 125 -18.23 32.45 4.20
CA GLU A 125 -19.42 33.24 3.96
C GLU A 125 -20.10 33.58 5.30
N THR A 126 -20.15 32.62 6.20
CA THR A 126 -20.83 32.78 7.49
C THR A 126 -20.12 33.75 8.41
N LEU A 127 -18.79 33.70 8.44
CA LEU A 127 -18.00 34.54 9.30
C LEU A 127 -17.62 35.89 8.67
N GLY A 128 -17.88 36.08 7.39
CA GLY A 128 -17.50 37.31 6.71
C GLY A 128 -15.99 37.46 6.51
N VAL A 129 -15.35 36.44 5.98
CA VAL A 129 -13.90 36.49 5.81
C VAL A 129 -13.51 37.19 4.50
N ASP A 130 -12.79 38.30 4.61
CA ASP A 130 -12.42 39.10 3.45
C ASP A 130 -11.16 38.54 2.77
N VAL A 131 -10.24 38.04 3.59
CA VAL A 131 -8.89 37.63 3.16
C VAL A 131 -8.57 36.19 3.62
N VAL A 132 -8.35 35.34 2.63
CA VAL A 132 -8.15 33.93 2.88
C VAL A 132 -6.82 33.51 2.27
N GLU A 133 -6.04 32.70 2.97
CA GLU A 133 -4.85 32.05 2.45
C GLU A 133 -5.14 30.59 2.15
N VAL A 134 -5.05 30.25 0.88
CA VAL A 134 -5.39 28.90 0.40
C VAL A 134 -4.13 28.11 0.15
N LEU A 135 -4.07 26.91 0.73
CA LEU A 135 -2.96 25.99 0.57
C LEU A 135 -3.45 24.62 0.04
N PRO A 136 -2.66 23.94 -0.79
CA PRO A 136 -1.42 24.46 -1.39
C PRO A 136 -1.76 25.44 -2.53
N GLY A 137 -0.74 26.11 -3.06
CA GLY A 137 -0.97 27.18 -3.99
C GLY A 137 -1.61 26.79 -5.33
N ALA A 138 -1.33 25.56 -5.76
CA ALA A 138 -1.77 25.05 -7.06
C ALA A 138 -3.29 25.07 -7.18
N VAL A 139 -3.99 24.86 -6.08
CA VAL A 139 -5.46 24.85 -6.08
C VAL A 139 -6.08 26.16 -5.64
N ALA A 140 -5.27 27.17 -5.31
CA ALA A 140 -5.83 28.49 -4.96
C ALA A 140 -6.70 29.12 -6.05
N PRO A 141 -6.31 29.07 -7.32
CA PRO A 141 -7.15 29.62 -8.39
C PRO A 141 -8.54 29.02 -8.46
N LYS A 142 -8.62 27.71 -8.28
CA LYS A 142 -9.89 26.98 -8.28
C LYS A 142 -10.77 27.48 -7.20
N VAL A 143 -10.21 27.65 -6.01
CA VAL A 143 -10.95 28.12 -4.86
C VAL A 143 -11.35 29.58 -5.06
N ALA A 144 -10.44 30.39 -5.59
CA ALA A 144 -10.70 31.82 -5.77
C ALA A 144 -11.90 32.04 -6.68
N ARG A 145 -12.03 31.22 -7.72
CA ARG A 145 -13.17 31.34 -8.64
C ARG A 145 -14.52 31.14 -7.97
N LYS A 146 -14.53 30.41 -6.85
CA LYS A 146 -15.76 30.13 -6.10
C LYS A 146 -16.11 31.21 -5.06
N ILE A 147 -15.16 32.10 -4.77
CA ILE A 147 -15.37 33.19 -3.80
C ILE A 147 -14.99 34.54 -4.40
N PRO A 148 -15.62 34.88 -5.52
CA PRO A 148 -15.35 36.16 -6.18
C PRO A 148 -15.64 37.32 -5.22
N GLY A 149 -14.86 38.37 -5.28
CA GLY A 149 -14.94 39.45 -4.32
C GLY A 149 -14.07 39.28 -3.06
N ARG A 150 -13.55 38.09 -2.81
CA ARG A 150 -12.69 37.93 -1.63
C ARG A 150 -11.26 37.85 -2.10
N THR A 151 -10.36 38.32 -1.26
CA THR A 151 -8.92 38.29 -1.55
C THR A 151 -8.37 36.92 -1.21
N VAL A 152 -7.75 36.26 -2.18
CA VAL A 152 -7.08 34.99 -1.94
C VAL A 152 -5.55 35.16 -2.07
N ILE A 153 -4.84 34.69 -1.04
CA ILE A 153 -3.41 34.54 -1.08
C ILE A 153 -3.12 33.07 -1.21
N ALA A 154 -2.34 32.71 -2.20
CA ALA A 154 -1.94 31.34 -2.39
C ALA A 154 -0.70 31.07 -1.59
N ALA A 155 -0.62 29.89 -1.01
CA ALA A 155 0.64 29.48 -0.37
C ALA A 155 0.84 27.99 -0.39
N GLY A 156 2.10 27.58 -0.46
CA GLY A 156 2.45 26.17 -0.32
C GLY A 156 2.81 25.47 -1.60
N LEU A 157 4.02 24.93 -1.66
CA LEU A 157 4.52 24.13 -2.78
C LEU A 157 4.52 24.88 -4.14
N VAL A 158 4.61 26.19 -4.09
CA VAL A 158 4.82 26.96 -5.31
C VAL A 158 6.32 26.91 -5.63
N GLU A 159 6.70 26.06 -6.57
CA GLU A 159 8.09 25.61 -6.74
C GLU A 159 8.85 26.17 -7.95
N THR A 160 8.18 26.92 -8.82
CA THR A 160 8.86 27.53 -9.96
C THR A 160 8.27 28.89 -10.24
N GLU A 161 9.00 29.68 -11.01
CA GLU A 161 8.47 30.94 -11.48
C GLU A 161 7.22 30.77 -12.35
N GLU A 162 7.23 29.72 -13.18
CA GLU A 162 6.11 29.45 -14.09
C GLU A 162 4.82 29.18 -13.29
N GLU A 163 4.93 28.39 -12.23
CA GLU A 163 3.75 28.15 -11.36
C GLU A 163 3.26 29.43 -10.73
N ALA A 164 4.20 30.25 -10.24
CA ALA A 164 3.85 31.49 -9.57
C ALA A 164 3.14 32.45 -10.52
N ARG A 165 3.68 32.62 -11.73
CA ARG A 165 3.11 33.54 -12.72
C ARG A 165 1.70 33.17 -13.07
N GLU A 166 1.48 31.86 -13.22
CA GLU A 166 0.18 31.37 -13.59
C GLU A 166 -0.81 31.57 -12.43
N ILE A 167 -0.41 31.23 -11.21
CA ILE A 167 -1.29 31.40 -10.03
C ILE A 167 -1.71 32.87 -9.87
N LEU A 168 -0.77 33.79 -10.09
CA LEU A 168 -1.01 35.23 -9.94
C LEU A 168 -1.98 35.85 -10.97
N LYS A 169 -2.34 35.09 -12.01
CA LYS A 169 -3.39 35.52 -12.94
C LYS A 169 -4.74 35.42 -12.32
N HIS A 170 -4.87 34.61 -11.25
CA HIS A 170 -6.19 34.27 -10.67
C HIS A 170 -6.41 34.64 -9.22
N VAL A 171 -5.31 34.90 -8.49
CA VAL A 171 -5.36 35.22 -7.07
C VAL A 171 -4.52 36.49 -6.86
N SER A 172 -4.71 37.15 -5.73
CA SER A 172 -4.07 38.44 -5.51
C SER A 172 -2.59 38.31 -5.25
N ALA A 173 -2.22 37.31 -4.47
CA ALA A 173 -0.84 37.20 -3.98
C ALA A 173 -0.42 35.78 -3.70
N ILE A 174 0.88 35.57 -3.55
CA ILE A 174 1.45 34.31 -3.09
C ILE A 174 2.42 34.57 -1.95
N SER A 175 2.27 33.82 -0.87
CA SER A 175 3.18 33.83 0.23
C SER A 175 4.21 32.75 0.01
N THR A 176 5.48 33.11 0.05
CA THR A 176 6.59 32.14 -0.16
C THR A 176 7.87 32.58 0.50
N SER A 177 8.69 31.62 0.90
CA SER A 177 10.03 31.93 1.49
C SER A 177 11.14 31.89 0.44
N SER A 178 10.77 31.68 -0.82
CA SER A 178 11.76 31.61 -1.91
C SER A 178 12.30 32.98 -2.34
N ARG A 179 13.59 33.17 -2.08
CA ARG A 179 14.24 34.41 -2.39
C ARG A 179 14.23 34.67 -3.89
N ILE A 180 14.23 33.59 -4.70
CA ILE A 180 14.16 33.76 -6.13
C ILE A 180 12.80 34.36 -6.51
N LEU A 181 11.73 33.84 -5.93
CA LEU A 181 10.40 34.39 -6.23
C LEU A 181 10.25 35.82 -5.72
N TRP A 182 10.93 36.16 -4.66
CA TRP A 182 10.87 37.55 -4.12
C TRP A 182 11.34 38.57 -5.16
N LYS A 183 12.20 38.12 -6.07
CA LYS A 183 12.83 39.01 -7.05
C LYS A 183 12.09 39.07 -8.36
N PHE B 14 -4.08 -0.50 -7.98
CA PHE B 14 -4.23 0.95 -8.01
C PHE B 14 -3.68 1.48 -9.32
N LYS B 15 -4.58 1.74 -10.24
CA LYS B 15 -4.20 2.23 -11.53
C LYS B 15 -5.34 3.04 -12.09
N GLY B 16 -5.04 4.15 -12.73
CA GLY B 16 -6.06 4.96 -13.38
C GLY B 16 -7.00 5.65 -12.42
N ILE B 17 -8.29 5.65 -12.73
CA ILE B 17 -9.26 6.37 -11.95
C ILE B 17 -9.90 5.40 -10.92
N ILE B 18 -9.96 5.89 -9.66
CA ILE B 18 -10.62 5.25 -8.55
C ILE B 18 -11.85 6.09 -8.22
N ALA B 19 -13.00 5.47 -8.00
CA ALA B 19 -14.22 6.20 -7.70
C ALA B 19 -14.26 6.52 -6.21
N ALA B 20 -14.32 7.80 -5.89
CA ALA B 20 -14.43 8.31 -4.51
C ALA B 20 -15.92 8.52 -4.30
N LEU B 21 -16.48 7.79 -3.31
CA LEU B 21 -17.90 7.91 -2.94
C LEU B 21 -18.04 8.62 -1.59
N TRP B 22 -18.56 9.84 -1.64
CA TRP B 22 -18.80 10.65 -0.45
C TRP B 22 -20.06 10.24 0.29
N ASP B 23 -21.03 9.64 -0.42
CA ASP B 23 -22.33 9.38 0.16
C ASP B 23 -23.07 8.30 -0.60
N ASP B 25 -26.07 7.69 -0.76
CA ASP B 25 -27.33 8.20 -1.32
C ASP B 25 -27.21 8.61 -2.79
N SER B 26 -25.98 8.83 -3.27
CA SER B 26 -25.73 9.25 -4.64
C SER B 26 -24.42 8.66 -5.10
N ILE B 27 -24.46 7.51 -5.76
CA ILE B 27 -23.22 6.86 -6.19
C ILE B 27 -23.01 6.74 -7.70
N GLY B 28 -24.03 6.97 -8.52
CA GLY B 28 -23.80 6.96 -9.95
C GLY B 28 -23.56 5.59 -10.50
N GLU B 29 -22.86 5.54 -11.63
CA GLU B 29 -22.63 4.29 -12.35
C GLU B 29 -21.37 3.58 -11.89
N ILE B 30 -20.56 4.27 -11.10
CA ILE B 30 -19.27 3.81 -10.59
C ILE B 30 -18.54 2.83 -11.50
N GLU B 31 -18.13 3.34 -12.64
CA GLU B 31 -17.42 2.54 -13.63
C GLU B 31 -16.06 1.95 -13.13
N PRO B 32 -15.27 2.70 -12.39
CA PRO B 32 -13.98 2.15 -11.95
C PRO B 32 -14.09 0.82 -11.18
N ASP B 33 -13.05 -0.02 -11.26
CA ASP B 33 -13.02 -1.31 -10.54
C ASP B 33 -12.83 -1.14 -9.03
N VAL B 34 -12.12 -0.08 -8.66
CA VAL B 34 -11.84 0.26 -7.26
C VAL B 34 -12.61 1.45 -6.81
N VAL B 35 -13.21 1.30 -5.62
CA VAL B 35 -14.03 2.31 -5.02
C VAL B 35 -13.46 2.63 -3.63
N PHE B 36 -13.35 3.92 -3.34
CA PHE B 36 -12.99 4.40 -2.02
C PHE B 36 -14.25 4.93 -1.37
N LEU B 37 -14.76 4.21 -0.38
CA LEU B 37 -15.95 4.63 0.34
C LEU B 37 -15.53 5.57 1.47
N LEU B 38 -15.95 6.83 1.38
CA LEU B 38 -15.37 7.88 2.23
C LEU B 38 -16.25 8.28 3.38
N LYS B 39 -17.46 7.75 3.43
CA LYS B 39 -18.35 7.99 4.56
C LYS B 39 -19.25 6.77 4.70
N SER B 40 -19.43 6.32 5.93
CA SER B 40 -20.40 5.29 6.25
C SER B 40 -20.71 5.36 7.75
N ASP B 41 -21.25 4.28 8.29
CA ASP B 41 -21.46 4.19 9.72
C ASP B 41 -21.45 2.77 10.15
N ILE B 42 -21.27 2.58 11.44
N ILE B 42 -21.22 2.53 11.44
CA ILE B 42 -21.04 1.24 11.98
CA ILE B 42 -21.03 1.15 11.91
C ILE B 42 -22.20 0.28 11.79
C ILE B 42 -22.23 0.24 11.80
N LEU B 43 -23.43 0.80 11.74
CA LEU B 43 -24.64 0.02 11.61
C LEU B 43 -24.86 -0.41 10.16
N ASN B 44 -24.55 0.48 9.23
CA ASN B 44 -24.85 0.22 7.80
C ASN B 44 -23.69 -0.16 6.93
N LEU B 45 -22.46 -0.16 7.48
CA LEU B 45 -21.30 -0.41 6.67
C LEU B 45 -21.41 -1.76 5.94
N LYS B 46 -21.83 -2.82 6.63
CA LYS B 46 -21.90 -4.12 5.97
C LYS B 46 -22.86 -4.11 4.76
N PHE B 47 -23.96 -3.35 4.85
CA PHE B 47 -24.92 -3.20 3.74
C PHE B 47 -24.30 -2.40 2.59
N HIS B 48 -23.59 -1.32 2.92
CA HIS B 48 -22.98 -0.48 1.92
C HIS B 48 -21.97 -1.29 1.17
N LEU B 49 -21.17 -2.03 1.91
CA LEU B 49 -20.15 -2.89 1.34
C LEU B 49 -20.73 -4.01 0.47
N LYS B 50 -21.84 -4.60 0.89
CA LYS B 50 -22.54 -5.60 0.06
C LYS B 50 -22.99 -5.02 -1.27
N ILE B 51 -23.58 -3.81 -1.25
CA ILE B 51 -24.05 -3.17 -2.48
C ILE B 51 -22.91 -2.98 -3.45
N LEU B 52 -21.77 -2.50 -2.93
CA LEU B 52 -20.64 -2.14 -3.78
C LEU B 52 -19.92 -3.41 -4.27
N LYS B 53 -19.73 -4.38 -3.40
CA LYS B 53 -19.02 -5.60 -3.75
C LYS B 53 -19.84 -6.43 -4.76
N ASP B 54 -21.17 -6.40 -4.64
CA ASP B 54 -22.01 -7.05 -5.63
C ASP B 54 -21.99 -6.44 -7.02
N ARG B 55 -21.47 -5.22 -7.13
CA ARG B 55 -21.18 -4.62 -8.42
C ARG B 55 -19.75 -4.91 -8.93
N GLY B 56 -19.09 -5.89 -8.33
CA GLY B 56 -17.79 -6.35 -8.78
C GLY B 56 -16.64 -5.44 -8.36
N LYS B 57 -16.81 -4.64 -7.31
CA LYS B 57 -15.83 -3.62 -6.98
C LYS B 57 -14.92 -4.11 -5.89
N THR B 58 -13.69 -3.61 -5.92
CA THR B 58 -12.77 -3.66 -4.78
C THR B 58 -13.02 -2.41 -3.99
N VAL B 59 -13.21 -2.55 -2.68
CA VAL B 59 -13.67 -1.42 -1.86
C VAL B 59 -12.74 -1.18 -0.70
N PHE B 60 -12.12 0.00 -0.66
CA PHE B 60 -11.41 0.48 0.50
C PHE B 60 -12.31 1.47 1.24
N VAL B 61 -12.27 1.42 2.57
CA VAL B 61 -13.13 2.25 3.40
C VAL B 61 -12.28 3.24 4.21
N ASP B 62 -12.64 4.52 4.20
CA ASP B 62 -11.98 5.48 5.08
C ASP B 62 -12.53 5.31 6.47
N ASP B 64 -11.74 6.40 9.23
CA ASP B 64 -11.78 7.56 10.14
C ASP B 64 -13.13 8.26 9.99
N PHE B 65 -13.85 7.94 8.91
CA PHE B 65 -15.16 8.58 8.69
C PHE B 65 -16.31 7.58 8.61
N VAL B 66 -16.14 6.48 9.33
CA VAL B 66 -17.27 5.62 9.61
C VAL B 66 -17.88 6.08 10.92
N ASN B 67 -19.06 6.67 10.87
CA ASN B 67 -19.69 7.22 12.06
C ASN B 67 -19.92 6.09 13.07
N GLY B 68 -19.51 6.33 14.32
CA GLY B 68 -19.67 5.35 15.37
C GLY B 68 -18.50 4.41 15.53
N LEU B 69 -17.53 4.52 14.64
CA LEU B 69 -16.30 3.70 14.71
C LEU B 69 -15.17 4.48 15.36
N GLY B 70 -14.35 3.78 16.14
CA GLY B 70 -13.17 4.29 16.80
C GLY B 70 -11.91 3.97 16.01
N GLU B 71 -10.77 3.98 16.70
CA GLU B 71 -9.49 3.66 16.08
C GLU B 71 -8.93 2.38 16.63
N GLY B 72 -7.91 1.85 15.97
CA GLY B 72 -7.20 0.69 16.48
C GLY B 72 -7.55 -0.65 15.86
N GLU B 73 -6.90 -1.68 16.36
CA GLU B 73 -7.00 -3.01 15.75
C GLU B 73 -8.43 -3.56 15.66
N GLU B 74 -9.22 -3.38 16.72
CA GLU B 74 -10.57 -3.90 16.71
C GLU B 74 -11.43 -3.19 15.68
N ALA B 75 -11.27 -1.88 15.56
CA ALA B 75 -11.97 -1.15 14.51
C ALA B 75 -11.60 -1.61 13.09
N ILE B 76 -10.29 -1.76 12.86
CA ILE B 76 -9.79 -2.26 11.57
C ILE B 76 -10.38 -3.65 11.23
N LEU B 77 -10.36 -4.56 12.21
CA LEU B 77 -10.95 -5.87 12.02
C LEU B 77 -12.43 -5.85 11.80
N PHE B 78 -13.12 -4.93 12.46
CA PHE B 78 -14.53 -4.75 12.24
C PHE B 78 -14.88 -4.38 10.77
N VAL B 79 -14.11 -3.44 10.24
CA VAL B 79 -14.31 -3.00 8.86
C VAL B 79 -14.00 -4.12 7.88
N LYS B 80 -12.93 -4.85 8.15
CA LYS B 80 -12.58 -6.00 7.33
C LYS B 80 -13.69 -7.06 7.36
N LYS B 81 -14.18 -7.37 8.55
CA LYS B 81 -15.20 -8.41 8.75
C LYS B 81 -16.48 -8.00 8.09
N ALA B 82 -16.70 -6.70 8.01
CA ALA B 82 -17.85 -6.12 7.34
C ALA B 82 -17.84 -6.30 5.79
N GLY B 83 -16.66 -6.63 5.23
CA GLY B 83 -16.50 -6.92 3.82
C GLY B 83 -15.54 -6.02 3.08
N ALA B 84 -14.84 -5.11 3.76
CA ALA B 84 -13.91 -4.21 3.05
C ALA B 84 -12.71 -4.98 2.52
N ASP B 85 -12.18 -4.56 1.39
CA ASP B 85 -10.91 -5.10 0.93
C ASP B 85 -9.70 -4.43 1.55
N GLY B 86 -9.88 -3.22 2.06
CA GLY B 86 -8.79 -2.54 2.72
C GLY B 86 -9.28 -1.28 3.38
N ILE B 87 -8.37 -0.60 4.05
CA ILE B 87 -8.72 0.62 4.72
C ILE B 87 -7.89 1.83 4.23
N ILE B 88 -8.45 2.99 4.51
CA ILE B 88 -7.84 4.29 4.28
C ILE B 88 -7.89 5.00 5.65
N THR B 89 -6.83 5.70 5.98
CA THR B 89 -6.76 6.40 7.27
C THR B 89 -5.68 7.49 7.20
N ILE B 90 -5.80 8.47 8.08
CA ILE B 90 -4.77 9.49 8.29
C ILE B 90 -3.94 9.19 9.52
N LYS B 91 -4.35 8.18 10.28
CA LYS B 91 -3.67 7.79 11.52
C LYS B 91 -2.62 6.71 11.27
N PRO B 92 -1.34 7.09 11.37
CA PRO B 92 -0.24 6.11 11.22
C PRO B 92 -0.40 4.82 12.02
N LYS B 93 -0.94 4.88 13.24
CA LYS B 93 -1.07 3.67 14.04
C LYS B 93 -2.06 2.70 13.39
N ASN B 94 -3.10 3.22 12.76
CA ASN B 94 -4.08 2.38 12.08
C ASN B 94 -3.44 1.72 10.88
N TYR B 95 -2.63 2.48 10.14
CA TYR B 95 -1.95 1.90 9.00
C TYR B 95 -1.07 0.70 9.40
N VAL B 96 -0.27 0.93 10.42
CA VAL B 96 0.70 -0.05 10.85
C VAL B 96 -0.01 -1.30 11.36
N VAL B 97 -1.08 -1.09 12.13
CA VAL B 97 -1.82 -2.24 12.63
C VAL B 97 -2.53 -3.03 11.52
N ALA B 98 -3.03 -2.31 10.51
CA ALA B 98 -3.66 -2.99 9.38
C ALA B 98 -2.63 -3.89 8.69
N LYS B 99 -1.44 -3.33 8.46
CA LYS B 99 -0.37 -4.02 7.72
C LYS B 99 0.03 -5.31 8.47
N LYS B 100 0.11 -5.23 9.80
CA LYS B 100 0.43 -6.40 10.63
C LYS B 100 -0.62 -7.52 10.57
N ASN B 101 -1.86 -7.13 10.29
CA ASN B 101 -2.96 -8.04 10.13
C ASN B 101 -3.19 -8.50 8.67
N GLY B 102 -2.29 -8.09 7.78
CA GLY B 102 -2.32 -8.47 6.37
C GLY B 102 -3.45 -7.83 5.60
N ILE B 103 -3.92 -6.69 6.11
CA ILE B 103 -5.03 -5.97 5.53
C ILE B 103 -4.46 -4.79 4.76
N PRO B 104 -4.80 -4.71 3.46
CA PRO B 104 -4.35 -3.61 2.63
C PRO B 104 -4.74 -2.27 3.21
N ALA B 105 -3.82 -1.32 3.09
CA ALA B 105 -4.02 -0.04 3.72
C ALA B 105 -3.45 1.10 2.92
N VAL B 106 -4.10 2.24 3.03
CA VAL B 106 -3.70 3.49 2.39
C VAL B 106 -3.60 4.58 3.46
N LEU B 107 -2.45 5.23 3.52
CA LEU B 107 -2.22 6.32 4.48
C LEU B 107 -2.44 7.67 3.78
N ARG B 108 -3.33 8.50 4.30
CA ARG B 108 -3.52 9.81 3.69
C ARG B 108 -2.41 10.74 4.12
N PHE B 109 -2.14 11.72 3.27
CA PHE B 109 -1.00 12.62 3.37
C PHE B 109 -1.47 13.98 2.84
N PHE B 110 -1.54 14.98 3.72
CA PHE B 110 -1.98 16.32 3.34
C PHE B 110 -0.77 17.15 2.87
N ALA B 111 -0.63 17.35 1.58
CA ALA B 111 0.56 18.03 1.01
C ALA B 111 0.29 19.51 0.88
N LEU B 112 0.36 20.20 2.01
CA LEU B 112 -0.05 21.60 2.07
C LEU B 112 1.06 22.60 1.83
N ASP B 113 2.27 22.22 2.26
CA ASP B 113 3.46 23.06 2.13
C ASP B 113 4.69 22.15 2.26
N SER B 114 5.87 22.71 1.96
CA SER B 114 7.11 21.93 1.87
C SER B 114 7.44 21.27 3.21
N LYS B 115 7.17 21.96 4.31
CA LYS B 115 7.52 21.40 5.63
C LYS B 115 6.59 20.23 5.99
N ALA B 116 5.31 20.33 5.67
CA ALA B 116 4.39 19.22 5.88
C ALA B 116 4.82 18.03 5.03
N VAL B 117 5.29 18.29 3.80
CA VAL B 117 5.75 17.23 2.93
C VAL B 117 7.01 16.54 3.49
N GLU B 118 7.96 17.34 3.97
CA GLU B 118 9.20 16.79 4.57
C GLU B 118 8.89 15.90 5.76
N ARG B 119 8.05 16.38 6.67
CA ARG B 119 7.62 15.60 7.84
C ARG B 119 6.93 14.30 7.42
N GLY B 120 6.02 14.43 6.46
CA GLY B 120 5.28 13.30 5.97
C GLY B 120 6.16 12.25 5.34
N ILE B 121 7.15 12.65 4.55
CA ILE B 121 8.04 11.70 3.90
C ILE B 121 8.91 10.98 4.94
N GLU B 122 9.36 11.71 5.95
CA GLU B 122 10.14 11.10 7.03
C GLU B 122 9.35 10.00 7.72
N GLN B 123 8.08 10.30 7.96
CA GLN B 123 7.21 9.35 8.64
C GLN B 123 6.96 8.15 7.73
N ILE B 124 6.71 8.39 6.46
CA ILE B 124 6.52 7.30 5.50
C ILE B 124 7.74 6.36 5.52
N GLU B 125 8.93 6.95 5.42
CA GLU B 125 10.17 6.17 5.42
C GLU B 125 10.39 5.40 6.72
N THR B 126 10.08 6.01 7.86
CA THR B 126 10.33 5.44 9.18
C THR B 126 9.41 4.25 9.48
N LEU B 127 8.16 4.36 9.02
CA LEU B 127 7.16 3.33 9.31
C LEU B 127 7.05 2.34 8.18
N GLY B 128 7.71 2.60 7.06
CA GLY B 128 7.65 1.74 5.89
C GLY B 128 6.31 1.74 5.15
N VAL B 129 5.72 2.91 5.03
CA VAL B 129 4.44 3.07 4.36
C VAL B 129 4.62 2.84 2.86
N ASP B 130 3.85 1.92 2.30
CA ASP B 130 3.97 1.49 0.90
C ASP B 130 2.99 2.20 -0.03
N VAL B 131 1.82 2.59 0.50
CA VAL B 131 0.76 3.19 -0.29
C VAL B 131 0.26 4.46 0.40
N VAL B 132 0.33 5.59 -0.30
CA VAL B 132 -0.14 6.86 0.26
C VAL B 132 -1.09 7.53 -0.69
N GLU B 133 -2.09 8.17 -0.11
CA GLU B 133 -3.00 9.01 -0.87
C GLU B 133 -2.62 10.45 -0.57
N VAL B 134 -2.26 11.23 -1.59
CA VAL B 134 -1.76 12.57 -1.39
C VAL B 134 -2.80 13.52 -1.88
N LEU B 135 -3.17 14.47 -1.00
CA LEU B 135 -4.15 15.47 -1.31
C LEU B 135 -3.59 16.91 -1.17
N PRO B 136 -4.07 17.86 -1.97
CA PRO B 136 -4.96 17.61 -3.11
C PRO B 136 -4.19 17.00 -4.29
N GLY B 137 -4.87 16.51 -5.30
CA GLY B 137 -4.22 15.71 -6.33
C GLY B 137 -3.18 16.50 -7.14
N ALA B 138 -3.44 17.77 -7.37
CA ALA B 138 -2.59 18.63 -8.19
C ALA B 138 -1.12 18.62 -7.76
N VAL B 139 -0.88 18.42 -6.45
CA VAL B 139 0.49 18.43 -5.94
C VAL B 139 1.04 17.04 -5.66
N ALA B 140 0.21 16.00 -5.89
CA ALA B 140 0.68 14.64 -5.71
C ALA B 140 1.93 14.29 -6.54
N PRO B 141 2.07 14.78 -7.77
CA PRO B 141 3.33 14.53 -8.50
C PRO B 141 4.59 15.02 -7.80
N LYS B 142 4.50 16.16 -7.11
CA LYS B 142 5.65 16.70 -6.39
C LYS B 142 6.09 15.76 -5.29
N VAL B 143 5.14 15.20 -4.56
CA VAL B 143 5.43 14.28 -3.49
C VAL B 143 5.95 12.97 -4.04
N ALA B 144 5.31 12.47 -5.09
CA ALA B 144 5.65 11.15 -5.64
C ALA B 144 7.09 11.09 -6.09
N ARG B 145 7.59 12.19 -6.65
CA ARG B 145 8.98 12.23 -7.14
C ARG B 145 10.01 12.04 -6.05
N LYS B 146 9.61 12.38 -4.83
CA LYS B 146 10.48 12.32 -3.68
C LYS B 146 10.34 11.02 -2.88
N ILE B 147 9.38 10.16 -3.26
CA ILE B 147 9.25 8.83 -2.67
C ILE B 147 9.18 7.80 -3.78
N PRO B 148 10.20 7.73 -4.61
CA PRO B 148 10.18 6.79 -5.72
C PRO B 148 10.11 5.38 -5.15
N GLY B 149 9.34 4.53 -5.79
CA GLY B 149 9.24 3.15 -5.38
C GLY B 149 8.06 2.88 -4.46
N ARG B 150 7.35 3.93 -4.05
CA ARG B 150 6.12 3.78 -3.28
C ARG B 150 4.95 4.16 -4.18
N THR B 151 3.78 3.63 -3.85
CA THR B 151 2.60 3.91 -4.65
C THR B 151 1.92 5.16 -4.12
N VAL B 152 1.65 6.07 -5.05
CA VAL B 152 0.91 7.29 -4.75
C VAL B 152 -0.40 7.33 -5.50
N ILE B 153 -1.47 7.56 -4.74
CA ILE B 153 -2.76 7.82 -5.27
C ILE B 153 -3.01 9.31 -5.03
N ALA B 154 -3.19 10.07 -6.10
CA ALA B 154 -3.63 11.47 -6.02
C ALA B 154 -5.10 11.58 -5.68
N ALA B 155 -5.47 12.47 -4.78
CA ALA B 155 -6.87 12.65 -4.48
C ALA B 155 -7.22 14.08 -4.09
N GLY B 156 -8.40 14.53 -4.47
CA GLY B 156 -8.91 15.81 -4.08
C GLY B 156 -8.79 16.80 -5.21
N LEU B 157 -9.93 17.40 -5.56
CA LEU B 157 -10.06 18.45 -6.52
C LEU B 157 -9.60 18.14 -7.95
N VAL B 158 -9.45 16.85 -8.29
CA VAL B 158 -9.14 16.51 -9.67
C VAL B 158 -10.46 16.43 -10.41
N GLU B 159 -10.67 17.38 -11.31
CA GLU B 159 -11.97 17.60 -11.94
C GLU B 159 -12.02 17.37 -13.46
N THR B 160 -10.94 17.68 -14.17
CA THR B 160 -10.96 17.56 -15.64
C THR B 160 -10.03 16.47 -16.17
N GLU B 161 -10.24 16.11 -17.43
CA GLU B 161 -9.40 15.09 -18.04
C GLU B 161 -8.00 15.62 -18.19
N GLU B 162 -7.88 16.90 -18.48
CA GLU B 162 -6.57 17.52 -18.62
C GLU B 162 -5.76 17.41 -17.33
N GLU B 163 -6.40 17.74 -16.22
CA GLU B 163 -5.79 17.58 -14.90
C GLU B 163 -5.38 16.15 -14.63
N ALA B 164 -6.29 15.22 -14.87
CA ALA B 164 -6.03 13.81 -14.62
C ALA B 164 -4.89 13.26 -15.45
N ARG B 165 -4.85 13.57 -16.74
CA ARG B 165 -3.81 13.01 -17.59
C ARG B 165 -2.42 13.52 -17.20
N GLU B 166 -2.34 14.78 -16.80
CA GLU B 166 -1.07 15.34 -16.31
C GLU B 166 -0.65 14.60 -15.04
N ILE B 167 -1.59 14.41 -14.12
CA ILE B 167 -1.25 13.80 -12.83
C ILE B 167 -0.81 12.38 -12.99
N LEU B 168 -1.48 11.64 -13.87
CA LEU B 168 -1.23 10.22 -14.07
C LEU B 168 0.11 9.95 -14.80
N LYS B 169 0.74 10.99 -15.34
CA LYS B 169 2.15 10.86 -15.77
C LYS B 169 3.09 10.51 -14.59
N HIS B 170 2.72 10.89 -13.37
CA HIS B 170 3.61 10.86 -12.22
C HIS B 170 3.16 9.99 -11.04
N VAL B 171 1.90 9.59 -11.00
CA VAL B 171 1.36 8.81 -9.90
C VAL B 171 0.59 7.59 -10.46
N SER B 172 0.30 6.63 -9.59
CA SER B 172 -0.33 5.39 -10.02
C SER B 172 -1.78 5.55 -10.36
N ALA B 173 -2.49 6.29 -9.51
CA ALA B 173 -3.93 6.41 -9.65
C ALA B 173 -4.40 7.74 -9.10
N ILE B 174 -5.62 8.10 -9.46
CA ILE B 174 -6.35 9.22 -8.91
C ILE B 174 -7.68 8.77 -8.34
N SER B 175 -7.94 9.12 -7.09
CA SER B 175 -9.27 8.96 -6.52
C SER B 175 -10.03 10.26 -6.72
N THR B 176 -11.21 10.16 -7.29
CA THR B 176 -11.96 11.35 -7.61
C THR B 176 -13.45 11.09 -7.54
N SER B 177 -14.18 12.14 -7.16
CA SER B 177 -15.62 12.09 -7.18
C SER B 177 -16.20 12.58 -8.52
N SER B 178 -15.35 13.00 -9.45
CA SER B 178 -15.81 13.56 -10.73
C SER B 178 -16.26 12.37 -11.59
N ARG B 179 -17.56 12.25 -11.80
CA ARG B 179 -18.09 11.12 -12.55
C ARG B 179 -17.83 11.11 -14.07
N ILE B 180 -17.42 12.26 -14.60
CA ILE B 180 -16.95 12.32 -15.95
C ILE B 180 -15.62 11.60 -16.06
N LEU B 181 -14.79 11.77 -15.05
CA LEU B 181 -13.51 11.07 -15.02
C LEU B 181 -13.69 9.58 -14.86
N TRP B 182 -14.73 9.16 -14.14
CA TRP B 182 -15.03 7.74 -14.00
C TRP B 182 -15.27 7.12 -15.39
N LYS B 183 -15.76 7.89 -16.33
CA LYS B 183 -16.05 7.35 -17.67
C LYS B 183 -14.82 7.43 -18.63
N LYS B 185 -11.31 6.73 -20.57
CA LYS B 185 -10.75 7.76 -21.45
C LYS B 185 -11.76 8.52 -22.32
N PHE C 14 -4.19 -32.26 10.11
CA PHE C 14 -3.01 -31.43 10.39
C PHE C 14 -2.25 -31.23 9.10
N LYS C 15 -2.57 -30.13 8.44
CA LYS C 15 -1.94 -29.78 7.17
C LYS C 15 -2.04 -28.28 6.94
N GLY C 16 -0.94 -27.68 6.51
CA GLY C 16 -0.93 -26.29 6.14
C GLY C 16 -0.70 -25.45 7.37
N ILE C 17 -1.45 -24.35 7.47
CA ILE C 17 -1.31 -23.40 8.55
C ILE C 17 -2.40 -23.69 9.56
N ILE C 18 -2.01 -23.75 10.82
CA ILE C 18 -2.95 -23.88 11.95
C ILE C 18 -2.93 -22.56 12.67
N ALA C 19 -4.10 -22.00 12.95
CA ALA C 19 -4.19 -20.75 13.66
C ALA C 19 -3.98 -20.92 15.17
N ALA C 20 -2.94 -20.29 15.68
CA ALA C 20 -2.68 -20.22 17.09
C ALA C 20 -3.28 -18.93 17.67
N LEU C 21 -3.91 -19.05 18.83
CA LEU C 21 -4.56 -17.91 19.51
C LEU C 21 -3.98 -17.84 20.94
N TRP C 22 -3.35 -16.71 21.31
CA TRP C 22 -2.95 -16.45 22.71
C TRP C 22 -4.01 -15.86 23.63
N ASP C 23 -5.09 -15.32 23.05
CA ASP C 23 -6.27 -14.90 23.79
C ASP C 23 -7.37 -14.68 22.75
N ASP C 25 -8.91 -11.76 21.98
CA ASP C 25 -9.00 -10.37 21.51
C ASP C 25 -8.46 -10.23 20.10
N SER C 26 -8.99 -9.23 19.40
CA SER C 26 -8.56 -8.90 18.06
C SER C 26 -8.61 -10.09 17.09
N ILE C 27 -9.72 -10.82 17.13
CA ILE C 27 -9.97 -11.87 16.16
C ILE C 27 -10.96 -11.31 15.18
N GLY C 28 -10.51 -11.13 13.93
CA GLY C 28 -11.37 -10.80 12.80
C GLY C 28 -11.68 -12.10 12.09
N GLU C 29 -11.27 -12.21 10.83
CA GLU C 29 -11.41 -13.46 10.06
C GLU C 29 -10.38 -14.46 10.60
N ILE C 30 -10.73 -15.75 10.63
CA ILE C 30 -9.77 -16.85 10.86
C ILE C 30 -9.87 -17.81 9.69
N GLU C 31 -8.87 -17.73 8.82
CA GLU C 31 -8.84 -18.54 7.60
C GLU C 31 -8.64 -20.03 7.93
N PRO C 32 -7.67 -20.39 8.76
CA PRO C 32 -7.45 -21.81 9.08
C PRO C 32 -8.65 -22.51 9.72
N ASP C 33 -8.85 -23.77 9.33
CA ASP C 33 -9.91 -24.62 9.89
C ASP C 33 -9.58 -25.18 11.26
N VAL C 34 -8.29 -25.30 11.58
CA VAL C 34 -7.82 -25.84 12.85
C VAL C 34 -7.22 -24.70 13.64
N VAL C 35 -7.65 -24.60 14.90
CA VAL C 35 -7.20 -23.58 15.83
C VAL C 35 -6.55 -24.26 17.03
N PHE C 36 -5.41 -23.74 17.44
CA PHE C 36 -4.76 -24.14 18.68
C PHE C 36 -4.96 -23.00 19.66
N LEU C 37 -5.80 -23.23 20.66
CA LEU C 37 -6.11 -22.21 21.68
C LEU C 37 -5.03 -22.35 22.74
N LEU C 38 -4.14 -21.37 22.81
CA LEU C 38 -2.92 -21.56 23.60
C LEU C 38 -3.03 -21.05 25.01
N LYS C 39 -4.08 -20.28 25.31
CA LYS C 39 -4.27 -19.84 26.67
C LYS C 39 -5.73 -19.65 26.88
N SER C 40 -6.21 -20.00 28.07
CA SER C 40 -7.60 -19.74 28.42
C SER C 40 -7.65 -19.85 29.97
N ASP C 41 -8.82 -20.20 30.51
CA ASP C 41 -8.97 -20.40 31.94
C ASP C 41 -10.19 -21.26 32.22
N ILE C 42 -10.24 -21.85 33.40
CA ILE C 42 -11.25 -22.89 33.65
C ILE C 42 -12.65 -22.37 33.67
N LEU C 43 -12.84 -21.08 33.93
CA LEU C 43 -14.16 -20.52 33.94
C LEU C 43 -14.70 -20.21 32.55
N ASN C 44 -13.85 -19.70 31.69
CA ASN C 44 -14.24 -19.17 30.40
C ASN C 44 -13.97 -20.08 29.23
N LEU C 45 -13.24 -21.17 29.47
CA LEU C 45 -12.88 -22.14 28.41
C LEU C 45 -14.09 -22.55 27.58
N LYS C 46 -15.17 -22.92 28.25
CA LYS C 46 -16.36 -23.39 27.57
C LYS C 46 -16.88 -22.29 26.65
N PHE C 47 -16.80 -21.05 27.11
CA PHE C 47 -17.23 -19.88 26.31
C PHE C 47 -16.36 -19.67 25.07
N HIS C 48 -15.05 -19.76 25.29
CA HIS C 48 -14.07 -19.51 24.24
C HIS C 48 -14.25 -20.62 23.17
N LEU C 49 -14.47 -21.86 23.61
CA LEU C 49 -14.65 -22.97 22.69
C LEU C 49 -15.92 -22.85 21.85
N LYS C 50 -17.03 -22.42 22.47
CA LYS C 50 -18.29 -22.21 21.76
C LYS C 50 -18.13 -21.14 20.67
N ILE C 51 -17.48 -20.02 21.00
CA ILE C 51 -17.21 -18.99 20.00
C ILE C 51 -16.46 -19.60 18.79
N LEU C 52 -15.45 -20.40 19.07
CA LEU C 52 -14.65 -20.94 17.99
C LEU C 52 -15.39 -22.06 17.24
N LYS C 53 -16.13 -22.91 17.95
CA LYS C 53 -16.83 -24.00 17.31
C LYS C 53 -18.03 -23.45 16.52
N ASP C 54 -18.59 -22.33 16.98
CA ASP C 54 -19.67 -21.66 16.22
C ASP C 54 -19.16 -21.11 14.86
N ARG C 55 -17.86 -20.89 14.73
CA ARG C 55 -17.24 -20.50 13.48
C ARG C 55 -16.82 -21.70 12.66
N GLY C 56 -17.17 -22.92 13.09
CA GLY C 56 -16.82 -24.13 12.36
C GLY C 56 -15.40 -24.65 12.54
N LYS C 57 -14.71 -24.28 13.62
CA LYS C 57 -13.30 -24.63 13.79
C LYS C 57 -13.16 -25.92 14.58
N THR C 58 -12.11 -26.67 14.26
CA THR C 58 -11.60 -27.74 15.09
C THR C 58 -10.62 -27.11 16.04
N VAL C 59 -10.79 -27.37 17.33
CA VAL C 59 -9.99 -26.68 18.35
C VAL C 59 -9.28 -27.64 19.30
N PHE C 60 -7.96 -27.47 19.35
CA PHE C 60 -7.10 -28.13 20.32
C PHE C 60 -6.75 -27.09 21.36
N VAL C 61 -6.75 -27.49 22.64
CA VAL C 61 -6.47 -26.58 23.73
C VAL C 61 -5.18 -26.94 24.39
N ASP C 62 -4.30 -25.95 24.61
CA ASP C 62 -3.11 -26.18 25.41
C ASP C 62 -3.50 -26.12 26.89
N ASP C 64 -1.94 -26.85 29.48
CA ASP C 64 -0.94 -26.35 30.40
C ASP C 64 -1.08 -24.88 30.68
N PHE C 65 -1.79 -24.13 29.82
CA PHE C 65 -1.99 -22.70 30.00
C PHE C 65 -3.44 -22.32 30.14
N VAL C 66 -4.25 -23.28 30.61
CA VAL C 66 -5.61 -22.98 31.04
C VAL C 66 -5.55 -22.57 32.50
N ASN C 67 -5.73 -21.29 32.77
CA ASN C 67 -5.54 -20.75 34.13
C ASN C 67 -6.51 -21.45 35.03
N GLY C 68 -6.00 -21.97 36.16
CA GLY C 68 -6.86 -22.66 37.10
C GLY C 68 -7.01 -24.15 36.90
N LEU C 69 -6.47 -24.68 35.81
CA LEU C 69 -6.48 -26.13 35.54
C LEU C 69 -5.22 -26.76 36.04
N GLY C 70 -5.35 -28.00 36.51
CA GLY C 70 -4.24 -28.84 36.92
C GLY C 70 -3.91 -29.83 35.83
N GLU C 71 -3.30 -30.94 36.23
CA GLU C 71 -2.86 -31.93 35.26
C GLU C 71 -3.58 -33.25 35.51
N GLY C 72 -3.48 -34.18 34.57
CA GLY C 72 -3.98 -35.54 34.77
C GLY C 72 -5.35 -35.77 34.16
N GLU C 73 -5.90 -36.94 34.44
CA GLU C 73 -7.09 -37.39 33.76
C GLU C 73 -8.31 -36.52 33.94
N GLU C 74 -8.59 -36.05 35.16
CA GLU C 74 -9.81 -35.26 35.37
C GLU C 74 -9.70 -33.95 34.60
N ALA C 75 -8.51 -33.36 34.57
CA ALA C 75 -8.26 -32.09 33.80
C ALA C 75 -8.47 -32.28 32.29
N ILE C 76 -7.95 -33.39 31.76
CA ILE C 76 -8.13 -33.73 30.34
C ILE C 76 -9.59 -33.91 30.00
N LEU C 77 -10.29 -34.68 30.83
CA LEU C 77 -11.71 -34.87 30.67
C LEU C 77 -12.52 -33.58 30.79
N PHE C 78 -12.10 -32.68 31.69
CA PHE C 78 -12.72 -31.37 31.83
C PHE C 78 -12.65 -30.59 30.52
N VAL C 79 -11.49 -30.60 29.90
CA VAL C 79 -11.23 -29.86 28.67
C VAL C 79 -12.09 -30.43 27.51
N LYS C 80 -12.16 -31.76 27.41
CA LYS C 80 -13.00 -32.46 26.42
C LYS C 80 -14.47 -32.09 26.62
N LYS C 81 -14.90 -32.12 27.88
CA LYS C 81 -16.30 -31.85 28.23
C LYS C 81 -16.64 -30.39 27.95
N ALA C 82 -15.63 -29.52 28.03
CA ALA C 82 -15.83 -28.11 27.68
C ALA C 82 -16.03 -27.87 26.17
N GLY C 83 -15.67 -28.85 25.34
CA GLY C 83 -15.94 -28.81 23.91
C GLY C 83 -14.70 -28.92 23.02
N ALA C 84 -13.53 -29.15 23.60
CA ALA C 84 -12.29 -29.30 22.82
C ALA C 84 -12.28 -30.59 21.99
N ASP C 85 -11.69 -30.48 20.81
CA ASP C 85 -11.45 -31.66 19.96
C ASP C 85 -10.19 -32.40 20.36
N GLY C 86 -9.33 -31.73 21.09
CA GLY C 86 -8.06 -32.35 21.47
C GLY C 86 -7.28 -31.47 22.40
N ILE C 87 -6.16 -32.00 22.91
CA ILE C 87 -5.34 -31.27 23.85
C ILE C 87 -3.93 -31.17 23.31
N ILE C 88 -3.27 -30.08 23.68
CA ILE C 88 -1.86 -29.87 23.54
C ILE C 88 -1.23 -29.82 24.92
N THR C 89 -0.07 -30.43 25.11
CA THR C 89 0.63 -30.35 26.40
C THR C 89 2.10 -30.58 26.20
N ILE C 90 2.89 -30.14 27.19
CA ILE C 90 4.34 -30.47 27.24
C ILE C 90 4.66 -31.60 28.20
N LYS C 91 3.63 -32.08 28.89
CA LYS C 91 3.77 -33.12 29.88
C LYS C 91 3.44 -34.48 29.29
N PRO C 92 4.44 -35.36 29.19
CA PRO C 92 4.22 -36.72 28.66
C PRO C 92 3.13 -37.48 29.38
N LYS C 93 2.96 -37.30 30.68
CA LYS C 93 1.91 -38.04 31.38
C LYS C 93 0.53 -37.61 30.89
N ASN C 94 0.32 -36.31 30.65
CA ASN C 94 -0.95 -35.84 30.09
C ASN C 94 -1.21 -36.46 28.71
N TYR C 95 -0.18 -36.49 27.87
CA TYR C 95 -0.34 -37.03 26.53
C TYR C 95 -0.80 -38.51 26.61
N VAL C 96 -0.11 -39.27 27.43
CA VAL C 96 -0.38 -40.70 27.60
C VAL C 96 -1.82 -40.95 28.06
N VAL C 97 -2.27 -40.14 29.02
CA VAL C 97 -3.58 -40.29 29.62
C VAL C 97 -4.67 -39.87 28.63
N ALA C 98 -4.41 -38.81 27.86
CA ALA C 98 -5.35 -38.40 26.83
C ALA C 98 -5.51 -39.51 25.77
N LYS C 99 -4.40 -40.09 25.35
CA LYS C 99 -4.40 -41.15 24.33
C LYS C 99 -5.18 -42.37 24.80
N LYS C 100 -4.99 -42.76 26.07
CA LYS C 100 -5.71 -43.91 26.65
C LYS C 100 -7.22 -43.71 26.69
N ASN C 101 -7.65 -42.46 26.81
CA ASN C 101 -9.05 -42.09 26.76
C ASN C 101 -9.57 -41.83 25.34
N GLY C 102 -8.73 -42.05 24.33
CA GLY C 102 -9.10 -41.81 22.95
C GLY C 102 -9.36 -40.34 22.65
N ILE C 103 -8.61 -39.47 23.32
CA ILE C 103 -8.70 -38.04 23.09
C ILE C 103 -7.49 -37.62 22.27
N PRO C 104 -7.71 -36.99 21.12
CA PRO C 104 -6.60 -36.55 20.28
C PRO C 104 -5.69 -35.63 21.08
N ALA C 105 -4.39 -35.85 20.94
CA ALA C 105 -3.40 -35.12 21.73
C ALA C 105 -2.17 -34.74 20.88
N VAL C 106 -1.55 -33.63 21.25
CA VAL C 106 -0.32 -33.17 20.61
C VAL C 106 0.70 -32.94 21.73
N LEU C 107 1.90 -33.50 21.63
CA LEU C 107 2.96 -33.23 22.61
C LEU C 107 3.94 -32.18 22.12
N ARG C 108 4.13 -31.14 22.91
CA ARG C 108 5.09 -30.07 22.63
C ARG C 108 6.48 -30.56 22.92
N PHE C 109 7.44 -30.06 22.14
CA PHE C 109 8.78 -30.58 22.13
C PHE C 109 9.68 -29.37 21.88
N PHE C 110 10.56 -29.06 22.84
CA PHE C 110 11.44 -27.91 22.73
C PHE C 110 12.78 -28.43 22.18
N ALA C 111 13.08 -28.10 20.92
CA ALA C 111 14.29 -28.60 20.27
C ALA C 111 15.37 -27.54 20.34
N LEU C 112 16.06 -27.52 21.47
CA LEU C 112 17.05 -26.49 21.74
C LEU C 112 18.44 -26.88 21.40
N ASP C 113 18.75 -28.18 21.55
CA ASP C 113 20.12 -28.73 21.38
C ASP C 113 20.06 -30.23 21.06
N SER C 114 21.18 -30.79 20.62
CA SER C 114 21.21 -32.17 20.05
C SER C 114 20.94 -33.29 21.10
N LYS C 115 21.31 -32.98 22.35
CA LYS C 115 20.96 -33.82 23.50
C LYS C 115 19.46 -33.72 23.91
N ALA C 116 18.89 -32.51 23.98
CA ALA C 116 17.46 -32.33 24.23
C ALA C 116 16.65 -33.13 23.20
N VAL C 117 17.06 -33.03 21.94
CA VAL C 117 16.38 -33.72 20.84
C VAL C 117 16.48 -35.24 20.98
N GLU C 118 17.67 -35.76 21.28
CA GLU C 118 17.85 -37.20 21.48
C GLU C 118 16.92 -37.72 22.58
N ARG C 119 16.95 -37.08 23.73
CA ARG C 119 16.14 -37.54 24.85
C ARG C 119 14.64 -37.51 24.50
N GLY C 120 14.22 -36.47 23.80
CA GLY C 120 12.83 -36.32 23.39
C GLY C 120 12.40 -37.36 22.39
N ILE C 121 13.26 -37.68 21.43
CA ILE C 121 12.92 -38.69 20.46
C ILE C 121 12.63 -39.98 21.21
N GLU C 122 13.52 -40.30 22.17
CA GLU C 122 13.51 -41.61 22.85
C GLU C 122 12.22 -41.73 23.64
N GLN C 123 11.81 -40.62 24.24
CA GLN C 123 10.55 -40.58 24.94
C GLN C 123 9.37 -40.69 23.96
N ILE C 124 9.45 -40.02 22.80
CA ILE C 124 8.41 -40.15 21.78
C ILE C 124 8.25 -41.61 21.33
N GLU C 125 9.37 -42.31 21.17
CA GLU C 125 9.34 -43.70 20.69
C GLU C 125 8.79 -44.65 21.74
N THR C 126 9.26 -44.46 22.98
CA THR C 126 8.88 -45.29 24.13
C THR C 126 7.38 -45.18 24.43
N LEU C 127 6.90 -43.94 24.52
CA LEU C 127 5.54 -43.67 24.92
C LEU C 127 4.54 -43.80 23.78
N GLY C 128 5.02 -43.94 22.55
CA GLY C 128 4.16 -44.08 21.40
C GLY C 128 3.43 -42.80 21.07
N VAL C 129 4.19 -41.71 20.98
CA VAL C 129 3.64 -40.38 20.71
C VAL C 129 3.52 -40.22 19.19
N ASP C 130 2.29 -40.06 18.69
CA ASP C 130 2.02 -40.00 17.26
C ASP C 130 2.07 -38.58 16.67
N VAL C 131 1.82 -37.55 17.48
CA VAL C 131 1.80 -36.18 16.98
C VAL C 131 2.62 -35.27 17.90
N VAL C 132 3.58 -34.58 17.30
CA VAL C 132 4.51 -33.74 18.06
C VAL C 132 4.48 -32.32 17.49
N GLU C 133 4.45 -31.33 18.35
CA GLU C 133 4.68 -29.94 17.95
C GLU C 133 6.09 -29.51 18.35
N VAL C 134 6.92 -29.15 17.37
CA VAL C 134 8.32 -28.87 17.62
C VAL C 134 8.56 -27.38 17.51
N LEU C 135 9.22 -26.83 18.52
CA LEU C 135 9.53 -25.40 18.59
C LEU C 135 11.03 -25.19 18.80
N PRO C 136 11.61 -24.15 18.21
CA PRO C 136 10.99 -23.25 17.24
C PRO C 136 10.88 -23.92 15.88
N GLY C 137 10.13 -23.32 15.00
CA GLY C 137 9.81 -23.91 13.71
C GLY C 137 10.97 -24.21 12.82
N ALA C 138 11.98 -23.38 12.87
CA ALA C 138 13.12 -23.45 11.99
C ALA C 138 13.84 -24.80 12.11
N VAL C 139 13.73 -25.46 13.25
CA VAL C 139 14.41 -26.75 13.47
C VAL C 139 13.48 -27.95 13.47
N ALA C 140 12.19 -27.72 13.22
CA ALA C 140 11.23 -28.80 13.16
C ALA C 140 11.58 -29.84 12.06
N PRO C 141 12.06 -29.39 10.89
CA PRO C 141 12.52 -30.33 9.84
C PRO C 141 13.64 -31.29 10.28
N LYS C 142 14.59 -30.81 11.07
CA LYS C 142 15.67 -31.66 11.58
C LYS C 142 15.06 -32.76 12.45
N VAL C 143 14.13 -32.39 13.32
CA VAL C 143 13.53 -33.37 14.22
C VAL C 143 12.69 -34.41 13.45
N ALA C 144 11.93 -33.91 12.48
CA ALA C 144 10.99 -34.69 11.69
C ALA C 144 11.69 -35.83 10.94
N ARG C 145 12.87 -35.51 10.41
CA ARG C 145 13.70 -36.48 9.67
C ARG C 145 14.08 -37.66 10.54
N LYS C 146 14.15 -37.42 11.85
CA LYS C 146 14.57 -38.45 12.80
C LYS C 146 13.41 -39.24 13.41
N ILE C 147 12.19 -38.82 13.15
CA ILE C 147 10.99 -39.57 13.55
C ILE C 147 10.03 -39.73 12.37
N PRO C 148 10.49 -40.39 11.30
CA PRO C 148 9.65 -40.61 10.12
C PRO C 148 8.41 -41.40 10.49
N GLY C 149 7.29 -41.10 9.84
CA GLY C 149 6.05 -41.78 10.13
C GLY C 149 5.26 -41.16 11.28
N ARG C 150 5.83 -40.15 11.94
CA ARG C 150 5.11 -39.40 12.96
C ARG C 150 4.78 -38.00 12.46
N THR C 151 3.61 -37.49 12.85
CA THR C 151 3.18 -36.16 12.43
C THR C 151 3.90 -35.08 13.25
N VAL C 152 4.60 -34.19 12.55
CA VAL C 152 5.26 -33.04 13.17
C VAL C 152 4.51 -31.75 12.76
N ILE C 153 4.18 -30.94 13.76
CA ILE C 153 3.74 -29.57 13.55
C ILE C 153 4.85 -28.64 14.02
N ALA C 154 5.26 -27.70 13.18
CA ALA C 154 6.27 -26.70 13.52
C ALA C 154 5.60 -25.49 14.14
N ALA C 155 6.24 -24.89 15.13
CA ALA C 155 5.69 -23.68 15.72
C ALA C 155 6.80 -22.87 16.38
N GLY C 156 6.68 -21.55 16.33
CA GLY C 156 7.59 -20.65 17.01
C GLY C 156 8.50 -19.92 16.08
N LEU C 157 8.36 -18.59 16.06
CA LEU C 157 9.24 -17.69 15.32
C LEU C 157 9.21 -17.87 13.79
N VAL C 158 8.11 -18.38 13.26
CA VAL C 158 7.98 -18.50 11.81
C VAL C 158 7.41 -17.17 11.38
N GLU C 159 8.24 -16.33 10.74
CA GLU C 159 7.86 -14.95 10.49
C GLU C 159 7.49 -14.66 9.01
N THR C 160 8.04 -15.40 8.04
CA THR C 160 7.74 -15.11 6.61
C THR C 160 7.19 -16.29 5.81
N GLU C 161 6.60 -15.98 4.66
CA GLU C 161 6.09 -17.02 3.79
C GLU C 161 7.18 -17.97 3.25
N GLU C 162 8.41 -17.47 3.10
CA GLU C 162 9.56 -18.25 2.61
C GLU C 162 9.93 -19.28 3.64
N GLU C 163 9.94 -18.85 4.90
CA GLU C 163 10.29 -19.73 6.01
C GLU C 163 9.27 -20.86 6.09
N ALA C 164 8.00 -20.50 6.03
CA ALA C 164 6.92 -21.46 6.12
C ALA C 164 6.94 -22.47 4.97
N ARG C 165 7.12 -22.02 3.72
CA ARG C 165 7.11 -22.93 2.58
C ARG C 165 8.21 -23.96 2.69
N GLU C 166 9.35 -23.50 3.15
CA GLU C 166 10.51 -24.36 3.33
C GLU C 166 10.23 -25.40 4.40
N ILE C 167 9.63 -24.95 5.51
CA ILE C 167 9.33 -25.83 6.62
C ILE C 167 8.31 -26.90 6.20
N LEU C 168 7.28 -26.51 5.47
CA LEU C 168 6.23 -27.42 5.01
C LEU C 168 6.66 -28.46 3.96
N LYS C 169 7.90 -28.38 3.46
CA LYS C 169 8.49 -29.47 2.68
C LYS C 169 8.71 -30.69 3.55
N HIS C 170 8.89 -30.49 4.87
CA HIS C 170 9.35 -31.56 5.76
C HIS C 170 8.40 -31.91 6.90
N VAL C 171 7.44 -31.04 7.20
CA VAL C 171 6.50 -31.27 8.27
C VAL C 171 5.09 -31.01 7.77
N SER C 172 4.12 -31.54 8.49
CA SER C 172 2.74 -31.52 8.04
C SER C 172 2.12 -30.16 8.14
N ALA C 173 2.42 -29.42 9.20
CA ALA C 173 1.73 -28.17 9.45
C ALA C 173 2.59 -27.21 10.25
N ILE C 174 2.21 -25.95 10.22
CA ILE C 174 2.79 -24.93 11.07
C ILE C 174 1.71 -24.29 11.87
N SER C 175 1.92 -24.13 13.17
CA SER C 175 0.99 -23.37 13.97
C SER C 175 1.58 -21.98 14.21
N THR C 176 0.76 -20.95 14.03
CA THR C 176 1.28 -19.57 14.11
C THR C 176 0.14 -18.63 14.39
N SER C 177 0.40 -17.54 15.15
CA SER C 177 -0.64 -16.52 15.40
C SER C 177 -0.53 -15.40 14.39
N SER C 178 0.40 -15.50 13.44
CA SER C 178 0.48 -14.48 12.37
C SER C 178 -0.71 -14.51 11.41
N ARG C 179 -1.51 -13.44 11.47
CA ARG C 179 -2.61 -13.27 10.55
C ARG C 179 -2.15 -13.22 9.08
N ILE C 180 -0.89 -12.85 8.84
CA ILE C 180 -0.36 -12.84 7.49
C ILE C 180 -0.18 -14.25 6.95
N LEU C 181 0.39 -15.16 7.75
CA LEU C 181 0.56 -16.55 7.29
C LEU C 181 -0.77 -17.29 7.20
N TRP C 182 -1.73 -16.89 8.03
CA TRP C 182 -3.07 -17.45 7.97
C TRP C 182 -3.64 -17.33 6.56
N LYS C 183 -3.29 -16.26 5.87
CA LYS C 183 -3.82 -15.93 4.54
C LYS C 183 -3.07 -16.61 3.40
N LYS C 185 -1.55 -19.30 0.61
CA LYS C 185 -1.97 -20.48 -0.18
C LYS C 185 -2.63 -21.59 0.66
N PHE D 14 2.42 -7.88 -18.04
CA PHE D 14 3.30 -9.01 -17.78
C PHE D 14 3.45 -9.28 -16.30
N LYS D 15 2.98 -10.44 -15.84
CA LYS D 15 2.97 -10.74 -14.42
C LYS D 15 2.90 -12.27 -14.19
N GLY D 16 3.84 -12.81 -13.34
CA GLY D 16 3.75 -14.22 -12.87
C GLY D 16 4.29 -15.21 -13.88
N ILE D 17 3.57 -16.30 -14.14
CA ILE D 17 4.01 -17.31 -15.12
C ILE D 17 3.30 -17.07 -16.54
N ILE D 18 4.15 -17.03 -17.59
CA ILE D 18 3.81 -16.92 -19.01
C ILE D 18 4.04 -18.31 -19.65
N ALA D 19 3.10 -18.80 -20.46
CA ALA D 19 3.22 -20.13 -21.07
C ALA D 19 4.05 -20.03 -22.35
N ALA D 20 5.18 -20.71 -22.35
CA ALA D 20 6.06 -20.84 -23.51
C ALA D 20 5.59 -22.05 -24.30
N LEU D 21 5.33 -21.86 -25.62
CA LEU D 21 4.75 -22.89 -26.49
C LEU D 21 5.68 -23.21 -27.66
N TRP D 22 6.15 -24.48 -27.72
CA TRP D 22 7.05 -24.95 -28.78
C TRP D 22 6.28 -25.65 -29.89
N ASP D 23 5.03 -25.99 -29.62
CA ASP D 23 4.21 -26.68 -30.59
C ASP D 23 2.76 -26.57 -30.19
N ASP D 25 0.35 -28.88 -29.56
CA ASP D 25 -0.18 -30.15 -29.02
C ASP D 25 -0.72 -30.03 -27.59
N SER D 26 -0.24 -29.04 -26.84
CA SER D 26 -0.59 -28.86 -25.42
C SER D 26 -1.78 -27.89 -25.19
N ILE D 27 -2.60 -27.67 -26.21
CA ILE D 27 -3.47 -26.49 -26.25
C ILE D 27 -4.51 -26.34 -25.13
N GLY D 28 -5.14 -27.44 -24.71
CA GLY D 28 -6.17 -27.36 -23.69
C GLY D 28 -5.63 -27.31 -22.26
N GLU D 29 -4.33 -27.47 -22.13
CA GLU D 29 -3.65 -27.43 -20.83
C GLU D 29 -3.11 -26.04 -20.47
N ILE D 30 -3.32 -25.03 -21.31
CA ILE D 30 -2.63 -23.74 -21.10
C ILE D 30 -3.43 -22.88 -20.14
N GLU D 31 -3.02 -22.86 -18.87
CA GLU D 31 -3.66 -22.01 -17.88
C GLU D 31 -3.26 -20.52 -17.98
N PRO D 32 -1.99 -20.18 -18.26
CA PRO D 32 -1.55 -18.77 -18.41
C PRO D 32 -2.18 -18.04 -19.63
N ASP D 33 -2.71 -16.80 -19.34
CA ASP D 33 -3.49 -15.96 -20.28
C ASP D 33 -2.54 -15.44 -21.32
N VAL D 34 -1.27 -15.37 -20.96
CA VAL D 34 -0.27 -14.86 -21.87
C VAL D 34 0.56 -16.02 -22.30
N VAL D 35 0.73 -16.10 -23.62
CA VAL D 35 1.48 -17.16 -24.27
C VAL D 35 2.59 -16.54 -25.09
N PHE D 36 3.79 -17.13 -25.00
CA PHE D 36 4.87 -16.77 -25.89
C PHE D 36 5.03 -17.94 -26.87
N LEU D 37 4.77 -17.67 -28.14
CA LEU D 37 4.84 -18.71 -29.17
C LEU D 37 6.25 -18.73 -29.70
N LEU D 38 6.98 -19.78 -29.37
CA LEU D 38 8.42 -19.76 -29.56
C LEU D 38 8.88 -20.42 -30.86
N LYS D 39 7.96 -21.01 -31.61
CA LYS D 39 8.29 -21.65 -32.88
C LYS D 39 7.03 -21.70 -33.74
N SER D 40 7.19 -21.32 -34.99
CA SER D 40 6.10 -21.46 -35.97
C SER D 40 6.75 -21.34 -37.35
N ASP D 41 5.94 -21.14 -38.37
CA ASP D 41 6.43 -20.87 -39.73
C ASP D 41 5.46 -19.93 -40.46
N ILE D 42 5.92 -19.39 -41.58
N ILE D 42 5.90 -19.31 -41.55
CA ILE D 42 5.24 -18.28 -42.24
CA ILE D 42 5.09 -18.23 -42.15
C ILE D 42 3.93 -18.69 -42.87
C ILE D 42 3.81 -18.72 -42.74
N LEU D 43 3.77 -19.98 -43.14
CA LEU D 43 2.55 -20.55 -43.73
C LEU D 43 1.48 -20.88 -42.66
N ASN D 44 1.91 -21.35 -41.50
CA ASN D 44 0.99 -21.80 -40.45
C ASN D 44 0.74 -20.78 -39.32
N LEU D 45 1.46 -19.65 -39.32
CA LEU D 45 1.46 -18.72 -38.21
C LEU D 45 0.06 -18.23 -37.96
N LYS D 46 -0.67 -17.86 -39.01
CA LYS D 46 -1.98 -17.29 -38.83
C LYS D 46 -2.93 -18.35 -38.21
N PHE D 47 -2.76 -19.61 -38.59
CA PHE D 47 -3.63 -20.63 -38.03
C PHE D 47 -3.29 -20.87 -36.55
N HIS D 48 -2.03 -20.94 -36.24
CA HIS D 48 -1.59 -21.12 -34.87
C HIS D 48 -2.08 -20.00 -33.97
N LEU D 49 -2.00 -18.78 -34.47
CA LEU D 49 -2.56 -17.62 -33.78
C LEU D 49 -4.08 -17.65 -33.63
N LYS D 50 -4.80 -18.13 -34.63
CA LYS D 50 -6.26 -18.20 -34.53
C LYS D 50 -6.59 -19.22 -33.42
N ILE D 51 -5.85 -20.28 -33.27
CA ILE D 51 -6.22 -21.29 -32.25
C ILE D 51 -6.04 -20.73 -30.81
N LEU D 52 -4.92 -20.05 -30.60
CA LEU D 52 -4.66 -19.37 -29.35
C LEU D 52 -5.59 -18.19 -29.02
N LYS D 53 -5.77 -17.31 -29.98
CA LYS D 53 -6.75 -16.23 -29.81
C LYS D 53 -8.21 -16.68 -29.55
N ASP D 54 -8.66 -17.72 -30.26
CA ASP D 54 -9.93 -18.37 -30.01
C ASP D 54 -10.13 -18.82 -28.57
N ARG D 55 -8.96 -19.16 -28.00
CA ARG D 55 -8.94 -19.60 -26.61
C ARG D 55 -8.56 -18.52 -25.57
N GLY D 56 -8.59 -17.27 -26.01
CA GLY D 56 -8.56 -16.11 -25.14
C GLY D 56 -7.15 -15.71 -24.73
N LYS D 57 -6.15 -16.23 -25.43
CA LYS D 57 -4.78 -15.90 -25.09
C LYS D 57 -4.29 -14.61 -25.74
N THR D 58 -3.39 -13.92 -25.00
CA THR D 58 -2.51 -12.88 -25.53
C THR D 58 -1.30 -13.52 -26.02
N VAL D 59 -0.90 -13.31 -27.26
CA VAL D 59 0.24 -14.04 -27.78
C VAL D 59 1.28 -13.11 -28.27
N PHE D 60 2.50 -13.35 -27.79
CA PHE D 60 3.71 -12.72 -28.34
C PHE D 60 4.46 -13.80 -29.11
N VAL D 61 4.87 -13.45 -30.33
CA VAL D 61 5.55 -14.42 -31.18
C VAL D 61 7.06 -14.15 -31.21
N ASP D 62 7.88 -15.18 -31.03
CA ASP D 62 9.32 -15.10 -31.28
C ASP D 62 9.57 -15.07 -32.78
N ASP D 64 12.09 -14.42 -34.38
CA ASP D 64 13.34 -15.02 -34.78
C ASP D 64 13.29 -16.50 -35.10
N PHE D 65 12.25 -17.21 -34.67
CA PHE D 65 12.13 -18.65 -34.89
C PHE D 65 10.83 -18.97 -35.62
N VAL D 66 10.40 -18.08 -36.49
CA VAL D 66 9.35 -18.42 -37.44
C VAL D 66 10.00 -18.83 -38.75
N ASN D 67 9.96 -20.13 -39.05
CA ASN D 67 10.61 -20.66 -40.25
C ASN D 67 10.07 -19.95 -41.49
N GLY D 68 10.94 -19.48 -42.35
CA GLY D 68 10.48 -18.80 -43.56
C GLY D 68 10.39 -17.29 -43.42
N LEU D 69 10.53 -16.76 -42.20
CA LEU D 69 10.43 -15.33 -41.92
C LEU D 69 11.82 -14.73 -41.75
N GLY D 70 12.01 -13.52 -42.22
CA GLY D 70 13.31 -12.86 -42.10
C GLY D 70 13.18 -11.80 -41.01
N GLU D 71 13.85 -10.67 -41.20
CA GLU D 71 13.85 -9.62 -40.19
C GLU D 71 13.40 -8.28 -40.79
N GLY D 72 13.11 -7.32 -39.91
CA GLY D 72 12.83 -5.97 -40.29
C GLY D 72 11.36 -5.66 -40.26
N GLU D 73 11.02 -4.47 -40.73
CA GLU D 73 9.68 -3.96 -40.59
C GLU D 73 8.58 -4.85 -41.20
N GLU D 74 8.81 -5.33 -42.41
CA GLU D 74 7.83 -6.11 -43.13
C GLU D 74 7.57 -7.43 -42.38
N ALA D 75 8.61 -8.01 -41.83
CA ALA D 75 8.48 -9.24 -41.02
C ALA D 75 7.64 -8.99 -39.75
N ILE D 76 7.92 -7.88 -39.09
CA ILE D 76 7.15 -7.48 -37.90
C ILE D 76 5.71 -7.27 -38.23
N LEU D 77 5.43 -6.50 -39.28
CA LEU D 77 4.08 -6.25 -39.68
C LEU D 77 3.36 -7.51 -40.15
N PHE D 78 4.06 -8.45 -40.80
CA PHE D 78 3.48 -9.72 -41.17
C PHE D 78 2.94 -10.47 -39.93
N VAL D 79 3.76 -10.51 -38.90
CA VAL D 79 3.43 -11.20 -37.63
C VAL D 79 2.25 -10.53 -36.96
N LYS D 80 2.24 -9.21 -36.95
CA LYS D 80 1.11 -8.45 -36.41
C LYS D 80 -0.17 -8.72 -37.18
N LYS D 81 -0.06 -8.76 -38.51
CA LYS D 81 -1.22 -8.89 -39.36
C LYS D 81 -1.76 -10.32 -39.21
N ALA D 82 -0.90 -11.26 -38.90
CA ALA D 82 -1.28 -12.65 -38.71
C ALA D 82 -2.06 -12.84 -37.41
N GLY D 83 -2.02 -11.85 -36.51
CA GLY D 83 -2.82 -11.83 -35.30
C GLY D 83 -2.07 -11.77 -33.99
N ALA D 84 -0.75 -11.59 -34.03
CA ALA D 84 0.04 -11.54 -32.80
C ALA D 84 -0.29 -10.26 -32.04
N ASP D 85 -0.19 -10.31 -30.72
CA ASP D 85 -0.32 -9.09 -29.93
C ASP D 85 1.03 -8.35 -29.80
N GLY D 86 2.16 -9.06 -29.96
CA GLY D 86 3.45 -8.43 -29.98
C GLY D 86 4.51 -9.41 -30.42
N ILE D 87 5.78 -8.95 -30.43
CA ILE D 87 6.88 -9.78 -30.87
C ILE D 87 7.92 -9.93 -29.77
N ILE D 88 8.73 -11.00 -29.88
CA ILE D 88 9.91 -11.25 -29.08
C ILE D 88 11.06 -11.37 -30.09
N THR D 89 12.23 -10.83 -29.76
CA THR D 89 13.34 -10.84 -30.68
C THR D 89 14.64 -10.61 -29.92
N ILE D 90 15.75 -11.09 -30.46
CA ILE D 90 17.10 -10.77 -29.94
C ILE D 90 17.74 -9.62 -30.69
N LYS D 91 17.08 -9.15 -31.74
CA LYS D 91 17.69 -8.21 -32.68
C LYS D 91 17.22 -6.81 -32.33
N PRO D 92 18.10 -5.94 -31.81
CA PRO D 92 17.68 -4.60 -31.39
C PRO D 92 16.99 -3.75 -32.49
N LYS D 93 17.40 -3.91 -33.74
CA LYS D 93 16.79 -3.19 -34.86
C LYS D 93 15.34 -3.62 -35.01
N ASN D 94 15.05 -4.91 -34.84
CA ASN D 94 13.65 -5.35 -34.84
C ASN D 94 12.86 -4.70 -33.70
N TYR D 95 13.45 -4.63 -32.49
CA TYR D 95 12.79 -4.04 -31.35
C TYR D 95 12.46 -2.58 -31.64
N VAL D 96 13.41 -1.83 -32.20
CA VAL D 96 13.24 -0.40 -32.44
C VAL D 96 12.15 -0.17 -33.48
N VAL D 97 12.15 -0.99 -34.52
CA VAL D 97 11.12 -0.84 -35.54
C VAL D 97 9.73 -1.16 -34.99
N ALA D 98 9.63 -2.19 -34.17
CA ALA D 98 8.35 -2.50 -33.53
C ALA D 98 7.84 -1.32 -32.69
N LYS D 99 8.74 -0.73 -31.90
CA LYS D 99 8.41 0.39 -31.03
C LYS D 99 7.93 1.60 -31.83
N LYS D 100 8.60 1.87 -32.94
CA LYS D 100 8.23 3.00 -33.80
C LYS D 100 6.88 2.79 -34.44
N ASN D 101 6.42 1.54 -34.49
CA ASN D 101 5.09 1.20 -34.98
C ASN D 101 4.02 1.09 -33.87
N GLY D 102 4.45 1.33 -32.62
CA GLY D 102 3.56 1.16 -31.48
C GLY D 102 3.21 -0.28 -31.20
N ILE D 103 4.01 -1.22 -31.67
CA ILE D 103 3.74 -2.64 -31.52
C ILE D 103 4.49 -3.19 -30.29
N PRO D 104 3.75 -3.81 -29.37
CA PRO D 104 4.40 -4.33 -28.17
C PRO D 104 5.53 -5.24 -28.53
N ALA D 105 6.63 -5.09 -27.84
CA ALA D 105 7.83 -5.87 -28.13
C ALA D 105 8.62 -6.20 -26.88
N VAL D 106 9.30 -7.34 -26.93
CA VAL D 106 10.17 -7.81 -25.86
C VAL D 106 11.51 -8.04 -26.48
N LEU D 107 12.57 -7.47 -25.91
CA LEU D 107 13.91 -7.71 -26.40
C LEU D 107 14.59 -8.73 -25.49
N ARG D 108 15.05 -9.82 -26.07
CA ARG D 108 15.83 -10.80 -25.30
C ARG D 108 17.22 -10.26 -24.96
N PHE D 109 17.76 -10.80 -23.88
CA PHE D 109 18.97 -10.29 -23.26
C PHE D 109 19.56 -11.54 -22.64
N PHE D 110 20.79 -11.88 -23.08
CA PHE D 110 21.53 -13.04 -22.65
C PHE D 110 22.54 -12.56 -21.59
N ALA D 111 22.26 -12.83 -20.31
CA ALA D 111 22.96 -12.28 -19.18
C ALA D 111 24.11 -13.27 -18.76
N LEU D 112 25.04 -13.38 -19.84
CA LEU D 112 25.91 -14.51 -19.62
C LEU D 112 26.90 -14.16 -18.37
N ASP D 113 27.18 -12.86 -18.29
CA ASP D 113 28.33 -12.31 -17.50
C ASP D 113 28.07 -10.80 -17.35
N SER D 114 29.03 -10.08 -16.75
CA SER D 114 28.88 -8.67 -16.41
C SER D 114 29.03 -7.73 -17.60
N LYS D 115 29.98 -8.10 -18.55
CA LYS D 115 30.18 -7.19 -19.71
C LYS D 115 28.91 -7.19 -20.56
N ALA D 116 28.42 -8.40 -20.82
CA ALA D 116 27.24 -8.57 -21.63
C ALA D 116 26.13 -7.78 -20.98
N VAL D 117 26.02 -7.83 -19.66
CA VAL D 117 24.92 -7.15 -18.99
C VAL D 117 25.07 -5.63 -19.17
N GLU D 118 26.30 -5.13 -19.04
CA GLU D 118 26.58 -3.69 -19.11
C GLU D 118 26.21 -3.15 -20.50
N ARG D 119 26.80 -3.76 -21.52
CA ARG D 119 26.56 -3.37 -22.92
C ARG D 119 25.07 -3.45 -23.20
N GLY D 120 24.45 -4.43 -22.58
CA GLY D 120 23.03 -4.66 -22.74
C GLY D 120 22.24 -3.53 -22.09
N ILE D 121 22.68 -3.06 -20.93
CA ILE D 121 22.01 -1.97 -20.23
C ILE D 121 22.23 -0.65 -20.99
N GLU D 122 23.43 -0.40 -21.49
CA GLU D 122 23.70 0.83 -22.25
C GLU D 122 22.77 0.83 -23.48
N GLN D 123 22.66 -0.33 -24.14
CA GLN D 123 21.78 -0.48 -25.30
C GLN D 123 20.32 -0.20 -24.96
N ILE D 124 19.85 -0.78 -23.86
CA ILE D 124 18.51 -0.54 -23.36
C ILE D 124 18.27 0.95 -23.15
N GLU D 125 19.23 1.65 -22.55
CA GLU D 125 19.03 3.04 -22.17
C GLU D 125 19.14 3.95 -23.39
N THR D 126 20.01 3.57 -24.32
CA THR D 126 20.20 4.31 -25.56
C THR D 126 18.99 4.19 -26.50
N LEU D 127 18.36 3.01 -26.54
CA LEU D 127 17.28 2.70 -27.49
C LEU D 127 15.90 2.89 -26.90
N GLY D 128 15.84 3.09 -25.58
CA GLY D 128 14.59 3.23 -24.86
C GLY D 128 13.83 1.92 -24.81
N VAL D 129 14.55 0.82 -24.59
CA VAL D 129 13.93 -0.50 -24.47
C VAL D 129 13.16 -0.60 -23.16
N ASP D 130 11.86 -0.82 -23.27
CA ASP D 130 10.96 -0.84 -22.12
C ASP D 130 10.75 -2.22 -21.50
N VAL D 131 10.86 -3.29 -22.30
CA VAL D 131 10.58 -4.65 -21.81
C VAL D 131 11.64 -5.57 -22.32
N VAL D 132 12.29 -6.27 -21.40
CA VAL D 132 13.27 -7.23 -21.77
C VAL D 132 12.81 -8.57 -21.21
N GLU D 133 13.24 -9.61 -21.90
CA GLU D 133 13.27 -10.96 -21.38
C GLU D 133 14.71 -11.37 -21.11
N VAL D 134 15.02 -11.53 -19.84
CA VAL D 134 16.31 -11.95 -19.44
C VAL D 134 16.31 -13.50 -19.40
N LEU D 135 17.38 -14.07 -19.96
CA LEU D 135 17.73 -15.48 -19.80
C LEU D 135 19.20 -15.62 -19.40
N PRO D 136 19.60 -16.70 -18.66
CA PRO D 136 18.59 -17.67 -18.13
C PRO D 136 17.71 -16.94 -17.02
N GLY D 137 16.56 -17.54 -16.71
CA GLY D 137 15.70 -17.06 -15.62
C GLY D 137 16.38 -16.71 -14.30
N ALA D 138 17.51 -17.41 -13.88
CA ALA D 138 18.16 -17.20 -12.55
C ALA D 138 18.90 -15.87 -12.39
N VAL D 139 19.05 -15.13 -13.61
CA VAL D 139 19.98 -13.96 -13.41
C VAL D 139 19.13 -12.72 -13.73
N ALA D 140 17.86 -13.04 -14.00
CA ALA D 140 16.72 -12.04 -14.25
C ALA D 140 16.15 -10.97 -13.17
N PRO D 141 16.38 -11.44 -11.86
CA PRO D 141 16.56 -10.54 -10.66
C PRO D 141 17.84 -9.65 -10.68
N LYS D 142 19.05 -10.21 -10.99
CA LYS D 142 20.27 -9.39 -10.94
C LYS D 142 20.12 -8.28 -11.99
N VAL D 143 19.48 -8.59 -13.11
CA VAL D 143 19.56 -7.66 -14.28
C VAL D 143 18.48 -6.55 -14.20
N ALA D 144 17.39 -6.98 -13.56
CA ALA D 144 16.28 -6.09 -13.14
C ALA D 144 16.74 -5.03 -12.09
N ARG D 145 17.56 -5.43 -11.11
CA ARG D 145 18.04 -4.49 -10.09
C ARG D 145 18.72 -3.29 -10.74
N LYS D 146 19.40 -3.55 -11.87
CA LYS D 146 20.25 -2.53 -12.49
C LYS D 146 19.51 -1.70 -13.51
N ILE D 147 18.26 -2.06 -13.80
CA ILE D 147 17.41 -1.28 -14.70
C ILE D 147 16.04 -1.07 -14.08
N PRO D 148 15.97 -0.35 -12.96
CA PRO D 148 14.69 -0.08 -12.31
C PRO D 148 13.80 0.78 -13.20
N GLY D 149 12.50 0.55 -13.14
CA GLY D 149 11.57 1.25 -14.00
C GLY D 149 11.34 0.53 -15.30
N ARG D 150 12.06 -0.56 -15.53
CA ARG D 150 11.92 -1.36 -16.75
C ARG D 150 11.43 -2.77 -16.44
N THR D 151 10.52 -3.25 -17.29
CA THR D 151 9.94 -4.58 -17.12
C THR D 151 10.96 -5.66 -17.47
N VAL D 152 11.18 -6.59 -16.53
CA VAL D 152 12.01 -7.77 -16.76
C VAL D 152 11.23 -9.07 -16.60
N ILE D 153 11.19 -9.87 -17.71
CA ILE D 153 10.69 -11.23 -17.73
C ILE D 153 11.88 -12.18 -17.67
N ALA D 154 11.85 -13.10 -16.73
CA ALA D 154 12.89 -14.11 -16.65
C ALA D 154 12.44 -15.25 -17.57
N ALA D 155 13.37 -15.87 -18.28
CA ALA D 155 13.12 -17.03 -19.14
C ALA D 155 14.34 -17.97 -19.27
N GLY D 156 14.04 -19.28 -19.38
CA GLY D 156 15.17 -20.31 -19.30
C GLY D 156 15.30 -20.99 -17.87
N LEU D 157 15.27 -22.34 -17.87
CA LEU D 157 15.89 -23.23 -16.86
C LEU D 157 15.33 -23.03 -15.44
N VAL D 158 14.10 -22.59 -15.39
CA VAL D 158 13.45 -22.44 -14.11
C VAL D 158 12.76 -23.78 -13.89
N GLU D 159 13.26 -24.53 -12.91
CA GLU D 159 12.99 -25.97 -12.78
C GLU D 159 12.28 -26.40 -11.45
N THR D 160 11.93 -25.44 -10.54
CA THR D 160 11.11 -25.76 -9.34
C THR D 160 10.23 -24.60 -8.83
N GLU D 161 9.34 -24.92 -7.89
CA GLU D 161 8.48 -23.90 -7.25
C GLU D 161 9.25 -22.94 -6.34
N GLU D 162 10.49 -23.44 -5.91
CA GLU D 162 11.28 -22.66 -4.96
C GLU D 162 12.12 -21.62 -5.69
N GLU D 163 12.53 -22.01 -6.90
CA GLU D 163 13.10 -21.04 -7.95
C GLU D 163 12.00 -19.95 -8.35
N ALA D 164 10.78 -20.37 -8.69
CA ALA D 164 9.79 -19.39 -9.24
C ALA D 164 9.32 -18.30 -8.23
N ARG D 165 9.30 -18.80 -6.93
CA ARG D 165 8.84 -17.96 -5.82
C ARG D 165 9.79 -16.82 -5.40
N GLU D 166 11.15 -17.26 -5.58
CA GLU D 166 12.29 -16.33 -5.48
C GLU D 166 12.24 -15.28 -6.67
N ILE D 167 12.09 -15.75 -7.91
CA ILE D 167 12.40 -14.91 -9.10
C ILE D 167 11.34 -13.82 -9.29
N LEU D 168 10.12 -14.18 -8.63
CA LEU D 168 9.00 -13.32 -8.90
C LEU D 168 8.88 -12.22 -7.86
N LYS D 169 9.79 -12.23 -6.89
CA LYS D 169 9.89 -11.13 -5.96
C LYS D 169 10.53 -9.90 -6.66
N HIS D 170 11.50 -10.18 -7.61
CA HIS D 170 12.36 -9.13 -8.22
C HIS D 170 12.01 -8.82 -9.68
N VAL D 171 11.22 -9.68 -10.30
CA VAL D 171 10.86 -9.49 -11.71
C VAL D 171 9.35 -9.64 -11.91
N SER D 172 8.91 -9.16 -13.06
CA SER D 172 7.48 -9.04 -13.35
C SER D 172 6.83 -10.37 -13.72
N ALA D 173 7.47 -11.14 -14.62
CA ALA D 173 6.96 -12.44 -15.00
C ALA D 173 8.06 -13.45 -15.40
N ILE D 174 7.67 -14.72 -15.47
CA ILE D 174 8.56 -15.78 -15.92
C ILE D 174 7.84 -16.43 -17.03
N SER D 175 8.54 -16.65 -18.13
CA SER D 175 8.10 -17.46 -19.23
C SER D 175 8.68 -18.88 -19.06
N THR D 176 7.75 -19.93 -19.00
CA THR D 176 8.13 -21.36 -18.78
C THR D 176 7.25 -22.40 -19.48
N SER D 177 7.77 -23.58 -19.87
CA SER D 177 6.97 -24.59 -20.64
C SER D 177 6.59 -25.77 -19.75
N SER D 178 6.97 -25.62 -18.48
CA SER D 178 6.70 -26.59 -17.42
C SER D 178 5.26 -26.52 -16.93
N ARG D 179 4.46 -27.48 -17.41
CA ARG D 179 3.03 -27.47 -17.11
C ARG D 179 2.82 -27.40 -15.59
N ILE D 180 3.83 -27.77 -14.80
CA ILE D 180 3.73 -27.74 -13.35
C ILE D 180 3.61 -26.28 -12.84
N LEU D 181 4.32 -25.26 -13.60
CA LEU D 181 4.33 -23.89 -13.06
C LEU D 181 3.13 -23.08 -13.55
N TRP D 182 2.50 -23.63 -14.64
CA TRP D 182 1.33 -22.95 -15.22
C TRP D 182 0.18 -22.97 -14.21
N LYS D 183 0.17 -24.01 -13.38
CA LYS D 183 -0.82 -24.18 -12.33
C LYS D 183 -0.58 -23.31 -11.08
#